data_8OMY
#
_entry.id   8OMY
#
_cell.length_a   112.390
_cell.length_b   75.500
_cell.length_c   71.460
_cell.angle_alpha   90.00
_cell.angle_beta   111.47
_cell.angle_gamma   90.00
#
_symmetry.space_group_name_H-M   'C 1 2 1'
#
loop_
_entity.id
_entity.type
_entity.pdbx_description
1 polymer 'Carbon monoxide dehydrogenase 2'
2 non-polymer 'IRON/SULFUR CLUSTER'
3 non-polymer 'FE2/S2 (INORGANIC) CLUSTER'
4 non-polymer 'FE (II) ION'
5 non-polymer 'HYDROSULFURIC ACID'
6 non-polymer 'FE (III) ION'
7 water water
#
_entity_poly.entity_id   1
_entity_poly.type   'polypeptide(L)'
_entity_poly.pdbx_seq_one_letter_code
;MAKQNLKSTDRAVQQMLDKAKREGIQTVWDRYEAMKPQCGFGETGLCCRHCLQGPCRINPFGDEPKVGICGATAEVIVAR
GLDRSIAAGAAGHSGHAKHLAHTLKKAVQGKAASYMIKDRTKLHSIAKRLGIPTEGQKDEDIALEVAKAALADFHEKDTP
VLWVTTVLPPSRVKVLSAHGLIPAGIDHEIAEIMHRTSMGCDADAQNLLLGGLRCSLADLAGCYMGTDLADILFGTPAPV
VTESNLGVLKADAVNVAVHGHNPVLSDIIVSVSKEMENEARAAGATGINVVGI(CSO)CTGNEVLMRHGIPACTHSVSQE
MAMITGALDAMILDYQCIQPSVATIAECTGTTVITTMEMSKITGATHVNFAEEAAVENAKQILRLAIDTFKRRKGKPVEI
PNIKTKVVAGFSTEAIINALSKLNANDPLKPLIDNVVNGNIRGVCLFAGCNNVKVPQDQNFTTIARKLLKQNVLVVATGC
GAGALMRHGFMDPANVDELCGDGLKAVLTAIGEANGLGGPLPPVLHMGSCVDNSRAVALVAALANRLGVDLDRLPVVASA
AEAMHEKAVAIGTWAVTIGLPTHIGVLPPITGSLPVTQILTSSVKDITGGYFIVELDPETAADKLLAAINERRAGLGLPW
;
_entity_poly.pdbx_strand_id   X
#
loop_
_chem_comp.id
_chem_comp.type
_chem_comp.name
_chem_comp.formula
FE non-polymer 'FE (III) ION' 'Fe 3'
FE2 non-polymer 'FE (II) ION' 'Fe 2'
FES non-polymer 'FE2/S2 (INORGANIC) CLUSTER' 'Fe2 S2'
H2S non-polymer 'HYDROSULFURIC ACID' 'H2 S'
SF4 non-polymer 'IRON/SULFUR CLUSTER' 'Fe4 S4'
#
# COMPACT_ATOMS: atom_id res chain seq x y z
N GLN A 4 24.87 6.86 -10.49
CA GLN A 4 23.56 7.01 -9.81
C GLN A 4 22.52 5.95 -10.16
N ASN A 5 22.72 5.29 -11.30
CA ASN A 5 21.87 4.15 -11.63
C ASN A 5 22.05 3.01 -10.63
N LEU A 6 23.09 3.07 -9.80
CA LEU A 6 23.21 2.09 -8.73
C LEU A 6 22.29 2.38 -7.54
N LYS A 7 21.83 3.62 -7.44
CA LYS A 7 20.90 4.06 -6.37
C LYS A 7 19.46 3.95 -6.85
N SER A 8 19.15 4.43 -8.05
CA SER A 8 17.80 4.39 -8.57
C SER A 8 17.79 4.10 -10.05
N THR A 9 16.86 3.25 -10.49
CA THR A 9 16.68 3.04 -11.93
C THR A 9 15.80 4.08 -12.61
N ASP A 10 15.28 5.03 -11.84
CA ASP A 10 14.46 6.12 -12.36
C ASP A 10 15.37 7.27 -12.81
N ARG A 11 15.30 7.64 -14.08
CA ARG A 11 16.20 8.64 -14.60
C ARG A 11 15.94 10.03 -14.07
N ALA A 12 14.70 10.34 -13.68
CA ALA A 12 14.42 11.62 -13.06
C ALA A 12 15.06 11.70 -11.68
N VAL A 13 15.01 10.58 -10.96
CA VAL A 13 15.69 10.48 -9.67
C VAL A 13 17.18 10.64 -9.84
N GLN A 14 17.75 9.98 -10.83
CA GLN A 14 19.19 10.09 -11.04
C GLN A 14 19.59 11.55 -11.29
N GLN A 15 18.79 12.28 -12.06
CA GLN A 15 19.13 13.67 -12.37
C GLN A 15 19.10 14.51 -11.09
N MET A 16 18.10 14.25 -10.25
CA MET A 16 18.04 14.92 -8.95
C MET A 16 19.12 14.51 -7.96
N LEU A 17 19.57 13.28 -8.03
CA LEU A 17 20.70 12.88 -7.21
C LEU A 17 21.95 13.62 -7.61
N ASP A 18 22.14 13.90 -8.91
CA ASP A 18 23.27 14.75 -9.30
C ASP A 18 23.14 16.17 -8.76
N LYS A 19 21.93 16.73 -8.83
CA LYS A 19 21.74 18.08 -8.30
C LYS A 19 21.98 18.10 -6.79
N ALA A 20 21.45 17.12 -6.05
CA ALA A 20 21.70 17.06 -4.62
C ALA A 20 23.18 17.00 -4.32
N LYS A 21 23.91 16.21 -5.11
CA LYS A 21 25.35 16.05 -4.87
C LYS A 21 26.08 17.37 -5.06
N ARG A 22 25.80 18.05 -6.17
CA ARG A 22 26.53 19.29 -6.39
C ARG A 22 26.11 20.40 -5.40
N GLU A 23 24.92 20.34 -4.83
CA GLU A 23 24.47 21.31 -3.84
C GLU A 23 24.78 20.91 -2.42
N GLY A 24 25.38 19.76 -2.19
CA GLY A 24 25.70 19.28 -0.85
C GLY A 24 24.52 18.92 0.02
N ILE A 25 23.42 18.49 -0.58
CA ILE A 25 22.23 18.10 0.17
C ILE A 25 22.30 16.60 0.38
N GLN A 26 22.37 16.17 1.65
CA GLN A 26 22.41 14.74 1.97
C GLN A 26 21.07 14.08 1.68
N THR A 27 21.13 12.89 1.08
CA THR A 27 19.94 12.12 0.73
C THR A 27 19.87 10.83 1.52
N VAL A 28 18.74 10.14 1.36
CA VAL A 28 18.56 8.80 1.94
C VAL A 28 19.69 7.84 1.54
N TRP A 29 20.17 7.93 0.29
CA TRP A 29 21.25 7.05 -0.14
C TRP A 29 22.54 7.38 0.57
N ASP A 30 22.78 8.67 0.79
CA ASP A 30 23.99 9.06 1.53
C ASP A 30 23.89 8.59 2.96
N ARG A 31 22.71 8.69 3.57
CA ARG A 31 22.58 8.24 4.96
C ARG A 31 22.71 6.72 5.08
N TYR A 32 22.26 5.98 4.06
CA TYR A 32 22.50 4.55 3.98
C TYR A 32 23.98 4.24 3.89
N GLU A 33 24.70 4.93 3.01
CA GLU A 33 26.11 4.63 2.87
C GLU A 33 26.85 4.87 4.19
N ALA A 34 26.43 5.90 4.93
CA ALA A 34 27.05 6.21 6.20
C ALA A 34 26.73 5.18 7.26
N MET A 35 25.69 4.37 7.06
CA MET A 35 25.27 3.34 8.02
C MET A 35 26.00 2.02 7.81
N LYS A 36 26.69 1.86 6.73
CA LYS A 36 27.32 0.59 6.40
C LYS A 36 28.66 0.46 7.10
N PRO A 37 29.02 -0.75 7.60
CA PRO A 37 28.25 -2.01 7.52
C PRO A 37 27.20 -2.00 8.59
N GLN A 38 26.01 -2.47 8.27
CA GLN A 38 24.94 -2.52 9.25
C GLN A 38 25.10 -3.72 10.19
N CYS A 39 24.46 -3.63 11.33
CA CYS A 39 24.56 -4.64 12.37
C CYS A 39 23.98 -5.97 11.90
N GLY A 40 24.81 -7.02 11.91
CA GLY A 40 24.35 -8.34 11.49
C GLY A 40 23.41 -9.01 12.46
N PHE A 41 23.50 -8.66 13.74
CA PHE A 41 22.53 -9.20 14.71
C PHE A 41 21.13 -8.72 14.41
N GLY A 42 20.99 -7.43 14.14
CA GLY A 42 19.67 -6.92 13.81
C GLY A 42 19.18 -7.39 12.46
N GLU A 43 20.08 -7.47 11.48
CA GLU A 43 19.68 -7.91 10.12
C GLU A 43 19.09 -9.32 10.14
N THR A 44 19.65 -10.22 11.00
CA THR A 44 19.25 -11.62 11.07
C THR A 44 18.11 -11.87 12.06
N GLY A 45 17.72 -10.83 12.81
CA GLY A 45 16.74 -10.92 13.86
C GLY A 45 17.25 -11.31 15.20
N LEU A 46 18.54 -11.55 15.35
CA LEU A 46 19.14 -12.08 16.59
C LEU A 46 19.55 -10.95 17.52
N CYS A 47 18.60 -10.07 17.84
CA CYS A 47 18.78 -9.04 18.86
C CYS A 47 17.45 -8.81 19.54
N CYS A 48 17.50 -8.67 20.87
CA CYS A 48 16.32 -8.38 21.66
C CYS A 48 16.64 -7.24 22.60
N ARG A 49 15.73 -6.29 22.69
CA ARG A 49 15.74 -5.19 23.63
C ARG A 49 14.43 -5.12 24.42
N HIS A 50 13.79 -6.28 24.61
CA HIS A 50 12.46 -6.29 25.26
C HIS A 50 12.52 -6.13 26.78
N CYS A 51 13.69 -6.03 27.37
CA CYS A 51 13.78 -5.63 28.77
C CYS A 51 15.10 -4.96 29.05
N LEU A 52 15.19 -4.36 30.24
CA LEU A 52 16.36 -3.59 30.63
C LEU A 52 17.56 -4.43 31.08
N GLN A 53 17.46 -5.74 30.93
CA GLN A 53 18.62 -6.61 31.03
C GLN A 53 19.40 -6.67 29.74
N GLY A 54 18.75 -6.31 28.62
CA GLY A 54 19.38 -6.33 27.32
C GLY A 54 20.26 -5.12 27.12
N PRO A 55 20.71 -4.93 25.93
CA PRO A 55 20.39 -5.71 24.75
C PRO A 55 21.02 -7.08 24.81
N CYS A 56 20.24 -8.01 24.28
CA CYS A 56 20.73 -9.37 24.06
C CYS A 56 20.92 -9.63 22.58
N ARG A 57 21.97 -10.30 22.23
CA ARG A 57 22.20 -10.71 20.86
C ARG A 57 22.60 -12.18 20.92
N ILE A 58 22.47 -12.84 19.79
CA ILE A 58 22.90 -14.23 19.60
C ILE A 58 23.73 -14.31 18.34
N ASN A 59 24.92 -14.89 18.44
CA ASN A 59 25.72 -15.07 17.22
C ASN A 59 24.99 -16.01 16.27
N PRO A 60 24.84 -15.64 15.02
CA PRO A 60 24.26 -16.59 14.08
C PRO A 60 24.98 -17.92 14.07
N PHE A 61 26.30 -17.87 14.16
CA PHE A 61 27.12 -19.07 14.19
C PHE A 61 28.32 -18.81 15.07
N GLY A 62 28.84 -19.89 15.66
CA GLY A 62 30.06 -19.78 16.44
C GLY A 62 29.82 -20.08 17.90
N ASP A 63 30.36 -19.24 18.74
CA ASP A 63 30.36 -19.46 20.18
C ASP A 63 29.37 -18.52 20.86
N GLU A 64 29.52 -18.34 22.16
CA GLU A 64 28.57 -17.54 22.93
CA GLU A 64 28.55 -17.55 22.91
C GLU A 64 28.65 -16.06 22.52
N PRO A 65 27.56 -15.30 22.63
CA PRO A 65 26.27 -15.73 23.18
C PRO A 65 25.42 -16.57 22.24
N LYS A 66 24.81 -17.59 22.84
CA LYS A 66 23.91 -18.50 22.17
C LYS A 66 22.44 -18.37 22.56
N VAL A 67 22.13 -17.63 23.61
CA VAL A 67 20.78 -17.56 24.21
C VAL A 67 20.67 -16.22 24.90
N GLY A 68 19.47 -15.68 24.94
CA GLY A 68 19.25 -14.43 25.66
C GLY A 68 19.40 -14.62 27.16
N ILE A 69 19.53 -13.50 27.86
CA ILE A 69 19.82 -13.55 29.31
C ILE A 69 18.71 -14.27 30.07
N CYS A 70 17.44 -14.07 29.68
CA CYS A 70 16.32 -14.75 30.36
C CYS A 70 16.12 -16.16 29.92
N GLY A 71 16.93 -16.64 28.96
CA GLY A 71 16.73 -17.95 28.36
C GLY A 71 16.06 -17.93 27.01
N ALA A 72 15.71 -16.76 26.49
CA ALA A 72 15.02 -16.72 25.19
C ALA A 72 15.93 -17.24 24.08
N THR A 73 15.42 -18.21 23.36
CA THR A 73 16.18 -18.84 22.27
C THR A 73 16.16 -17.96 21.02
N ALA A 74 16.99 -18.30 20.02
CA ALA A 74 16.96 -17.59 18.75
C ALA A 74 15.58 -17.64 18.14
N GLU A 75 14.92 -18.79 18.24
CA GLU A 75 13.61 -18.87 17.61
CA GLU A 75 13.57 -18.98 17.70
C GLU A 75 12.58 -18.00 18.32
N VAL A 76 12.62 -17.89 19.64
CA VAL A 76 11.72 -16.99 20.35
C VAL A 76 12.02 -15.52 20.03
N ILE A 77 13.29 -15.13 20.11
CA ILE A 77 13.68 -13.75 19.80
C ILE A 77 13.25 -13.36 18.38
N VAL A 78 13.53 -14.21 17.39
CA VAL A 78 13.13 -13.86 16.02
C VAL A 78 11.61 -13.77 15.90
N ALA A 79 10.88 -14.73 16.47
CA ALA A 79 9.42 -14.72 16.33
C ALA A 79 8.81 -13.53 17.06
N ARG A 80 9.35 -13.15 18.23
CA ARG A 80 8.82 -11.98 18.95
C ARG A 80 9.05 -10.69 18.18
N GLY A 81 10.25 -10.51 17.62
CA GLY A 81 10.49 -9.33 16.81
C GLY A 81 9.55 -9.24 15.64
N LEU A 82 9.40 -10.35 14.92
CA LEU A 82 8.49 -10.33 13.80
C LEU A 82 7.07 -10.00 14.20
N ASP A 83 6.58 -10.59 15.29
CA ASP A 83 5.23 -10.33 15.72
C ASP A 83 5.06 -8.84 16.02
N ARG A 84 6.03 -8.21 16.67
CA ARG A 84 5.86 -6.77 16.96
C ARG A 84 5.80 -5.95 15.64
N SER A 85 6.53 -6.36 14.61
CA SER A 85 6.45 -5.65 13.33
CA SER A 85 6.45 -5.65 13.34
C SER A 85 5.07 -5.78 12.74
N ILE A 86 4.49 -6.98 12.82
CA ILE A 86 3.14 -7.18 12.32
C ILE A 86 2.14 -6.30 13.07
N ALA A 87 2.25 -6.26 14.39
CA ALA A 87 1.36 -5.45 15.19
C ALA A 87 1.51 -3.96 14.85
N ALA A 88 2.73 -3.48 14.63
CA ALA A 88 2.94 -2.09 14.28
C ALA A 88 2.35 -1.78 12.91
N GLY A 89 2.44 -2.71 11.96
CA GLY A 89 1.80 -2.49 10.66
C GLY A 89 0.29 -2.45 10.80
N ALA A 90 -0.28 -3.38 11.60
CA ALA A 90 -1.71 -3.40 11.83
C ALA A 90 -2.18 -2.10 12.48
N ALA A 91 -1.36 -1.53 13.38
CA ALA A 91 -1.68 -0.30 14.07
C ALA A 91 -1.75 0.86 13.09
N GLY A 92 -0.89 0.86 12.07
CA GLY A 92 -0.92 1.92 11.06
C GLY A 92 -2.13 1.81 10.14
N HIS A 93 -2.37 0.64 9.60
CA HIS A 93 -3.46 0.55 8.66
C HIS A 93 -4.76 0.74 9.36
N SER A 94 -4.89 0.17 10.56
CA SER A 94 -6.14 0.30 11.29
CA SER A 94 -6.12 0.30 11.33
C SER A 94 -6.32 1.69 11.94
N GLY A 95 -5.22 2.43 12.23
CA GLY A 95 -5.34 3.80 12.68
C GLY A 95 -5.91 4.69 11.55
N HIS A 96 -5.45 4.43 10.34
CA HIS A 96 -5.99 5.06 9.13
C HIS A 96 -7.48 4.77 8.99
N ALA A 97 -7.87 3.51 9.15
CA ALA A 97 -9.29 3.16 9.02
C ALA A 97 -10.15 3.78 10.11
N LYS A 98 -9.64 3.76 11.33
CA LYS A 98 -10.36 4.35 12.44
C LYS A 98 -10.61 5.82 12.21
N HIS A 99 -9.61 6.53 11.66
CA HIS A 99 -9.76 7.94 11.33
CA HIS A 99 -9.77 7.95 11.39
C HIS A 99 -10.90 8.16 10.37
N LEU A 100 -10.96 7.38 9.30
CA LEU A 100 -12.04 7.49 8.33
C LEU A 100 -13.39 7.10 8.92
N ALA A 101 -13.42 6.14 9.86
CA ALA A 101 -14.68 5.83 10.52
C ALA A 101 -15.19 7.02 11.30
N HIS A 102 -14.31 7.69 12.03
CA HIS A 102 -14.77 8.86 12.77
C HIS A 102 -15.21 9.97 11.82
N THR A 103 -14.52 10.12 10.68
CA THR A 103 -14.89 11.12 9.70
C THR A 103 -16.28 10.83 9.16
N LEU A 104 -16.56 9.59 8.80
CA LEU A 104 -17.89 9.26 8.27
C LEU A 104 -18.95 9.58 9.30
N LYS A 105 -18.72 9.18 10.55
CA LYS A 105 -19.70 9.43 11.59
C LYS A 105 -19.98 10.92 11.67
N LYS A 106 -18.90 11.71 11.74
CA LYS A 106 -19.10 13.15 11.86
C LYS A 106 -19.88 13.68 10.65
N ALA A 107 -19.54 13.23 9.45
CA ALA A 107 -20.24 13.73 8.28
C ALA A 107 -21.74 13.55 8.42
N VAL A 108 -22.15 12.33 8.80
CA VAL A 108 -23.58 12.03 8.74
C VAL A 108 -24.30 12.55 9.97
N GLN A 109 -23.58 12.86 11.04
CA GLN A 109 -24.14 13.55 12.20
C GLN A 109 -24.25 15.06 11.99
N GLY A 110 -23.81 15.57 10.85
CA GLY A 110 -23.93 16.98 10.58
C GLY A 110 -22.82 17.82 11.15
N LYS A 111 -21.72 17.20 11.55
CA LYS A 111 -20.60 17.89 12.19
C LYS A 111 -19.49 18.29 11.21
N ALA A 112 -19.57 17.87 9.96
CA ALA A 112 -18.46 18.16 9.07
C ALA A 112 -18.97 18.14 7.64
N ALA A 113 -19.51 19.26 7.17
CA ALA A 113 -20.20 19.24 5.91
C ALA A 113 -19.28 19.31 4.71
N SER A 114 -17.95 19.38 4.89
CA SER A 114 -17.06 19.19 3.76
C SER A 114 -17.03 17.74 3.33
N TYR A 115 -17.60 16.86 4.14
CA TYR A 115 -17.61 15.42 3.88
C TYR A 115 -19.05 14.94 3.76
N MET A 116 -19.23 13.87 3.00
CA MET A 116 -20.57 13.44 2.66
C MET A 116 -20.50 12.00 2.16
N ILE A 117 -21.68 11.38 2.00
CA ILE A 117 -21.78 10.08 1.35
C ILE A 117 -21.72 10.32 -0.15
N LYS A 118 -20.63 9.97 -0.81
CA LYS A 118 -20.53 10.14 -2.26
C LYS A 118 -20.85 8.87 -3.02
N ASP A 119 -20.59 7.69 -2.42
CA ASP A 119 -20.94 6.43 -3.06
C ASP A 119 -22.01 5.71 -2.25
N ARG A 120 -23.27 6.04 -2.59
CA ARG A 120 -24.43 5.50 -1.91
C ARG A 120 -24.56 4.00 -2.15
N THR A 121 -24.23 3.56 -3.35
CA THR A 121 -24.32 2.15 -3.69
C THR A 121 -23.34 1.34 -2.90
N LYS A 122 -22.10 1.82 -2.80
CA LYS A 122 -21.10 1.12 -1.98
C LYS A 122 -21.53 1.07 -0.50
N LEU A 123 -22.11 2.16 0.00
CA LEU A 123 -22.62 2.19 1.37
C LEU A 123 -23.63 1.09 1.60
N HIS A 124 -24.62 0.95 0.73
CA HIS A 124 -25.63 -0.08 0.94
C HIS A 124 -25.06 -1.48 0.75
N SER A 125 -24.07 -1.67 -0.16
CA SER A 125 -23.53 -3.02 -0.31
C SER A 125 -22.73 -3.43 0.92
N ILE A 126 -21.95 -2.49 1.49
CA ILE A 126 -21.22 -2.74 2.72
C ILE A 126 -22.18 -3.06 3.85
N ALA A 127 -23.25 -2.26 4.01
CA ALA A 127 -24.23 -2.50 5.05
C ALA A 127 -24.82 -3.89 4.89
N LYS A 128 -25.17 -4.26 3.66
CA LYS A 128 -25.74 -5.59 3.42
C LYS A 128 -24.74 -6.70 3.81
N ARG A 129 -23.47 -6.52 3.44
CA ARG A 129 -22.42 -7.48 3.79
C ARG A 129 -22.30 -7.63 5.29
N LEU A 130 -22.45 -6.53 6.03
CA LEU A 130 -22.30 -6.60 7.50
C LEU A 130 -23.57 -7.05 8.20
N GLY A 131 -24.67 -7.20 7.46
CA GLY A 131 -25.96 -7.51 8.06
C GLY A 131 -26.76 -6.34 8.58
N ILE A 132 -26.43 -5.12 8.16
CA ILE A 132 -27.12 -3.93 8.64
C ILE A 132 -28.34 -3.70 7.76
N PRO A 133 -29.53 -3.58 8.32
CA PRO A 133 -30.73 -3.38 7.48
C PRO A 133 -30.66 -2.05 6.74
N THR A 134 -31.10 -2.05 5.47
CA THR A 134 -31.16 -0.83 4.70
C THR A 134 -32.57 -0.47 4.27
N GLU A 135 -33.45 -1.46 4.17
CA GLU A 135 -34.80 -1.21 3.69
C GLU A 135 -35.49 -0.20 4.57
N GLY A 136 -36.00 0.86 3.94
CA GLY A 136 -36.70 1.91 4.66
C GLY A 136 -35.88 2.76 5.61
N GLN A 137 -34.55 2.74 5.52
CA GLN A 137 -33.70 3.54 6.37
C GLN A 137 -33.10 4.72 5.60
N LYS A 138 -32.90 5.83 6.29
CA LYS A 138 -32.19 6.94 5.66
C LYS A 138 -30.73 6.55 5.47
N ASP A 139 -30.14 7.04 4.38
CA ASP A 139 -28.71 6.82 4.15
C ASP A 139 -27.86 7.21 5.35
N GLU A 140 -28.16 8.32 5.99
CA GLU A 140 -27.31 8.77 7.10
C GLU A 140 -27.39 7.81 8.27
N ASP A 141 -28.55 7.20 8.49
CA ASP A 141 -28.66 6.19 9.56
C ASP A 141 -27.92 4.90 9.20
N ILE A 142 -28.02 4.44 7.96
CA ILE A 142 -27.25 3.29 7.50
C ILE A 142 -25.76 3.55 7.70
N ALA A 143 -25.32 4.73 7.30
CA ALA A 143 -23.91 5.06 7.43
C ALA A 143 -23.49 5.16 8.90
N LEU A 144 -24.36 5.70 9.74
CA LEU A 144 -24.02 5.70 11.14
C LEU A 144 -23.81 4.29 11.63
N GLU A 145 -24.65 3.36 11.18
CA GLU A 145 -24.52 1.98 11.62
C GLU A 145 -23.25 1.35 11.06
N VAL A 146 -22.89 1.68 9.82
CA VAL A 146 -21.64 1.20 9.24
C VAL A 146 -20.44 1.74 10.02
N ALA A 147 -20.47 3.02 10.39
CA ALA A 147 -19.34 3.56 11.13
C ALA A 147 -19.26 2.96 12.53
N LYS A 148 -20.44 2.72 13.16
CA LYS A 148 -20.41 2.04 14.44
C LYS A 148 -19.84 0.65 14.32
N ALA A 149 -20.22 -0.08 13.28
CA ALA A 149 -19.67 -1.42 13.08
C ALA A 149 -18.17 -1.38 12.89
N ALA A 150 -17.69 -0.41 12.11
CA ALA A 150 -16.26 -0.25 11.93
C ALA A 150 -15.55 -0.06 13.26
N LEU A 151 -16.04 0.87 14.08
CA LEU A 151 -15.40 1.10 15.35
C LEU A 151 -15.52 -0.11 16.26
N ALA A 152 -16.61 -0.85 16.17
CA ALA A 152 -16.75 -2.01 17.05
C ALA A 152 -15.77 -3.12 16.74
N ASP A 153 -15.28 -3.22 15.50
CA ASP A 153 -14.33 -4.25 15.13
C ASP A 153 -12.98 -4.01 15.80
N PHE A 154 -12.75 -2.87 16.43
CA PHE A 154 -11.45 -2.65 17.11
C PHE A 154 -11.34 -3.35 18.45
N HIS A 155 -12.44 -3.80 19.02
CA HIS A 155 -12.44 -4.38 20.39
C HIS A 155 -13.23 -5.67 20.40
N GLU A 156 -13.10 -6.42 21.49
CA GLU A 156 -13.89 -7.62 21.67
C GLU A 156 -15.36 -7.28 21.73
N LYS A 157 -16.18 -8.19 21.24
CA LYS A 157 -17.64 -8.10 21.24
C LYS A 157 -18.19 -9.51 21.02
N ASP A 158 -19.50 -9.65 20.75
CA ASP A 158 -20.13 -10.96 20.60
CA ASP A 158 -20.12 -10.97 20.60
C ASP A 158 -19.82 -11.61 19.25
N THR A 159 -19.27 -10.86 18.30
CA THR A 159 -18.85 -11.36 17.02
C THR A 159 -17.35 -11.13 16.86
N PRO A 160 -16.70 -11.91 16.04
CA PRO A 160 -15.30 -11.61 15.71
C PRO A 160 -15.21 -10.40 14.78
N VAL A 161 -14.02 -10.11 14.28
CA VAL A 161 -13.84 -8.96 13.41
C VAL A 161 -14.58 -9.20 12.09
N LEU A 162 -15.65 -8.43 11.85
CA LEU A 162 -16.46 -8.64 10.68
C LEU A 162 -15.75 -8.25 9.38
N TRP A 163 -14.80 -7.31 9.45
CA TRP A 163 -14.04 -6.96 8.26
C TRP A 163 -12.97 -8.01 7.96
N VAL A 164 -12.94 -9.13 8.68
CA VAL A 164 -12.35 -10.39 8.21
C VAL A 164 -13.45 -11.37 7.80
N THR A 165 -14.34 -11.74 8.72
CA THR A 165 -15.20 -12.88 8.47
C THR A 165 -16.21 -12.69 7.37
N THR A 166 -16.54 -11.45 7.03
CA THR A 166 -17.53 -11.20 5.97
C THR A 166 -16.89 -10.97 4.60
N VAL A 167 -15.56 -10.89 4.54
CA VAL A 167 -14.90 -10.57 3.28
C VAL A 167 -14.15 -11.73 2.67
N LEU A 168 -13.92 -12.80 3.41
CA LEU A 168 -13.29 -14.00 2.85
C LEU A 168 -14.35 -15.09 2.67
N PRO A 169 -14.10 -16.06 1.78
CA PRO A 169 -15.04 -17.16 1.60
C PRO A 169 -15.28 -17.89 2.90
N PRO A 170 -16.50 -18.40 3.10
CA PRO A 170 -16.78 -19.23 4.29
C PRO A 170 -15.76 -20.34 4.50
N SER A 171 -15.34 -21.01 3.43
CA SER A 171 -14.39 -22.12 3.60
C SER A 171 -13.07 -21.64 4.18
N ARG A 172 -12.64 -20.45 3.79
CA ARG A 172 -11.40 -19.87 4.31
C ARG A 172 -11.59 -19.46 5.77
N VAL A 173 -12.75 -18.87 6.09
CA VAL A 173 -13.04 -18.53 7.48
C VAL A 173 -13.00 -19.76 8.33
N LYS A 174 -13.54 -20.86 7.82
CA LYS A 174 -13.60 -22.09 8.59
C LYS A 174 -12.20 -22.63 8.85
N VAL A 175 -11.32 -22.64 7.83
CA VAL A 175 -9.95 -23.07 8.04
C VAL A 175 -9.27 -22.22 9.11
N LEU A 176 -9.40 -20.91 8.98
CA LEU A 176 -8.74 -20.01 9.91
C LEU A 176 -9.29 -20.17 11.31
N SER A 177 -10.63 -20.30 11.43
CA SER A 177 -11.23 -20.49 12.75
CA SER A 177 -11.22 -20.48 12.75
C SER A 177 -10.71 -21.75 13.43
N ALA A 178 -10.52 -22.82 12.64
CA ALA A 178 -10.07 -24.09 13.19
C ALA A 178 -8.70 -24.00 13.80
N HIS A 179 -7.87 -23.10 13.31
CA HIS A 179 -6.55 -22.85 13.86
C HIS A 179 -6.54 -21.68 14.83
N GLY A 180 -7.72 -21.13 15.14
CA GLY A 180 -7.76 -20.02 16.09
C GLY A 180 -7.23 -18.72 15.59
N LEU A 181 -7.29 -18.50 14.30
CA LEU A 181 -6.62 -17.35 13.72
C LEU A 181 -7.55 -16.17 13.42
N ILE A 182 -8.85 -16.28 13.64
CA ILE A 182 -9.74 -15.15 13.37
C ILE A 182 -9.56 -14.13 14.48
N PRO A 183 -9.25 -12.88 14.15
CA PRO A 183 -9.06 -11.88 15.20
C PRO A 183 -10.33 -11.55 15.97
N ALA A 184 -10.18 -11.32 17.29
CA ALA A 184 -11.30 -10.95 18.10
C ALA A 184 -11.60 -9.47 18.07
N GLY A 185 -10.61 -8.64 17.82
CA GLY A 185 -10.78 -7.20 17.72
C GLY A 185 -9.44 -6.66 17.25
N ILE A 186 -9.44 -5.62 16.42
CA ILE A 186 -8.19 -5.16 15.83
C ILE A 186 -7.18 -4.67 16.90
N ASP A 187 -7.61 -3.71 17.74
CA ASP A 187 -6.67 -3.19 18.74
C ASP A 187 -6.45 -4.22 19.84
N HIS A 188 -7.43 -5.10 20.04
CA HIS A 188 -7.25 -6.19 20.97
C HIS A 188 -6.06 -7.06 20.56
N GLU A 189 -5.98 -7.43 19.27
CA GLU A 189 -4.89 -8.27 18.81
C GLU A 189 -3.58 -7.53 18.91
N ILE A 190 -3.55 -6.25 18.55
CA ILE A 190 -2.30 -5.52 18.63
C ILE A 190 -1.79 -5.58 20.05
N ALA A 191 -2.65 -5.26 20.99
CA ALA A 191 -2.24 -5.29 22.39
C ALA A 191 -1.83 -6.69 22.85
N GLU A 192 -2.51 -7.72 22.38
CA GLU A 192 -2.12 -9.05 22.82
C GLU A 192 -0.76 -9.43 22.27
N ILE A 193 -0.41 -8.97 21.07
CA ILE A 193 0.90 -9.23 20.55
C ILE A 193 1.94 -8.55 21.42
N MET A 194 1.71 -7.29 21.80
CA MET A 194 2.65 -6.58 22.61
C MET A 194 2.86 -7.22 23.98
N HIS A 195 1.78 -7.73 24.54
CA HIS A 195 1.83 -8.49 25.78
C HIS A 195 2.62 -9.78 25.60
N ARG A 196 2.20 -10.64 24.68
CA ARG A 196 2.78 -11.96 24.57
C ARG A 196 4.26 -11.94 24.19
N THR A 197 4.71 -10.86 23.55
CA THR A 197 6.08 -10.71 23.11
C THR A 197 6.96 -10.00 24.16
N SER A 198 6.36 -9.48 25.24
CA SER A 198 7.13 -8.86 26.30
C SER A 198 7.84 -9.95 27.09
N MET A 199 8.83 -9.53 27.88
CA MET A 199 9.69 -10.46 28.56
C MET A 199 8.89 -11.43 29.44
N GLY A 200 9.28 -12.70 29.36
CA GLY A 200 8.77 -13.71 30.25
C GLY A 200 7.32 -14.12 29.99
N CYS A 201 6.88 -13.99 28.73
CA CYS A 201 5.55 -14.41 28.30
C CYS A 201 5.75 -15.51 27.25
N ASP A 202 5.20 -15.34 26.03
CA ASP A 202 5.18 -16.43 25.10
C ASP A 202 6.62 -16.72 24.65
N ALA A 203 6.94 -18.02 24.60
CA ALA A 203 8.28 -18.48 24.34
C ALA A 203 8.21 -19.83 23.64
N ASP A 204 7.35 -19.91 22.63
CA ASP A 204 7.21 -21.07 21.75
C ASP A 204 7.02 -20.51 20.36
N ALA A 205 7.93 -20.86 19.45
CA ALA A 205 7.92 -20.17 18.15
C ALA A 205 6.63 -20.40 17.40
N GLN A 206 6.11 -21.63 17.36
CA GLN A 206 4.84 -21.88 16.69
C GLN A 206 3.70 -21.08 17.30
N ASN A 207 3.62 -21.05 18.62
CA ASN A 207 2.55 -20.30 19.27
C ASN A 207 2.65 -18.82 18.91
N LEU A 208 3.89 -18.28 19.02
CA LEU A 208 4.10 -16.86 18.72
C LEU A 208 3.66 -16.57 17.28
N LEU A 209 4.06 -17.42 16.35
CA LEU A 209 3.80 -17.13 14.94
C LEU A 209 2.34 -17.29 14.59
N LEU A 210 1.63 -18.17 15.26
CA LEU A 210 0.18 -18.23 15.09
C LEU A 210 -0.46 -16.92 15.55
N GLY A 211 0.03 -16.38 16.67
CA GLY A 211 -0.44 -15.06 17.07
C GLY A 211 -0.19 -14.00 16.02
N GLY A 212 0.99 -14.04 15.40
CA GLY A 212 1.31 -13.13 14.31
C GLY A 212 0.36 -13.26 13.13
N LEU A 213 0.03 -14.48 12.74
CA LEU A 213 -0.91 -14.66 11.63
C LEU A 213 -2.25 -14.05 12.00
N ARG A 214 -2.73 -14.26 13.20
CA ARG A 214 -3.98 -13.68 13.62
C ARG A 214 -3.91 -12.16 13.62
N CYS A 215 -2.81 -11.59 14.12
CA CYS A 215 -2.68 -10.14 14.07
C CYS A 215 -2.60 -9.63 12.62
N SER A 216 -2.02 -10.40 11.71
CA SER A 216 -1.99 -9.95 10.32
C SER A 216 -3.41 -9.86 9.75
N LEU A 217 -4.31 -10.71 10.21
CA LEU A 217 -5.72 -10.61 9.76
C LEU A 217 -6.38 -9.39 10.33
N ALA A 218 -5.96 -8.92 11.52
CA ALA A 218 -6.41 -7.60 12.02
C ALA A 218 -5.92 -6.48 11.11
N ASP A 219 -4.68 -6.59 10.61
CA ASP A 219 -4.24 -5.65 9.57
C ASP A 219 -5.09 -5.70 8.31
N LEU A 220 -5.38 -6.90 7.81
CA LEU A 220 -6.23 -7.00 6.62
C LEU A 220 -7.57 -6.33 6.86
N ALA A 221 -8.15 -6.53 8.04
CA ALA A 221 -9.42 -5.89 8.36
C ALA A 221 -9.30 -4.39 8.32
N GLY A 222 -8.20 -3.85 8.86
CA GLY A 222 -7.99 -2.42 8.80
C GLY A 222 -7.86 -1.93 7.37
N CYS A 223 -7.15 -2.67 6.54
CA CYS A 223 -7.04 -2.28 5.15
C CYS A 223 -8.40 -2.24 4.49
N TYR A 224 -9.16 -3.29 4.65
CA TYR A 224 -10.43 -3.42 3.96
C TYR A 224 -11.41 -2.36 4.45
N MET A 225 -11.42 -2.14 5.74
CA MET A 225 -12.29 -1.12 6.35
C MET A 225 -11.86 0.25 5.79
N GLY A 226 -10.55 0.51 5.69
CA GLY A 226 -10.10 1.78 5.13
C GLY A 226 -10.55 2.02 3.70
N THR A 227 -10.38 1.01 2.84
CA THR A 227 -10.85 1.15 1.47
C THR A 227 -12.35 1.34 1.42
N ASP A 228 -13.10 0.55 2.18
CA ASP A 228 -14.55 0.63 2.19
C ASP A 228 -15.01 2.04 2.58
N LEU A 229 -14.47 2.57 3.68
CA LEU A 229 -14.89 3.89 4.17
C LEU A 229 -14.44 5.02 3.23
N ALA A 230 -13.24 4.93 2.71
CA ALA A 230 -12.77 5.95 1.75
C ALA A 230 -13.62 5.95 0.50
N ASP A 231 -14.07 4.77 0.03
CA ASP A 231 -14.94 4.76 -1.17
C ASP A 231 -16.29 5.37 -0.87
N ILE A 232 -16.88 5.12 0.31
CA ILE A 232 -18.14 5.74 0.67
C ILE A 232 -17.98 7.24 0.64
N LEU A 233 -16.93 7.74 1.31
CA LEU A 233 -16.74 9.17 1.50
C LEU A 233 -16.30 9.87 0.20
N PHE A 234 -15.43 9.21 -0.60
CA PHE A 234 -14.75 9.95 -1.65
C PHE A 234 -15.04 9.42 -3.04
N GLY A 235 -15.74 8.31 -3.14
CA GLY A 235 -16.14 7.66 -4.37
C GLY A 235 -15.27 6.45 -4.67
N THR A 236 -15.87 5.42 -5.28
CA THR A 236 -15.12 4.27 -5.69
C THR A 236 -14.38 4.60 -6.98
N PRO A 237 -13.07 4.28 -7.10
CA PRO A 237 -12.34 4.61 -8.34
C PRO A 237 -12.95 3.96 -9.54
N ALA A 238 -12.77 4.64 -10.66
CA ALA A 238 -13.08 4.17 -11.99
C ALA A 238 -11.90 4.59 -12.88
N PRO A 239 -11.78 3.99 -14.06
CA PRO A 239 -10.61 4.26 -14.90
C PRO A 239 -10.36 5.74 -15.14
N VAL A 240 -9.10 6.10 -15.04
CA VAL A 240 -8.68 7.48 -15.21
CA VAL A 240 -8.62 7.48 -15.13
C VAL A 240 -7.31 7.47 -15.89
N VAL A 241 -6.99 8.60 -16.51
CA VAL A 241 -5.73 8.77 -17.22
CA VAL A 241 -5.73 8.77 -17.22
CA VAL A 241 -5.71 8.76 -17.20
C VAL A 241 -5.01 9.97 -16.64
N THR A 242 -3.73 9.81 -16.34
CA THR A 242 -2.95 10.91 -15.80
C THR A 242 -1.50 10.66 -16.17
N GLU A 243 -0.58 11.23 -15.39
CA GLU A 243 0.85 11.15 -15.65
C GLU A 243 1.59 10.89 -14.33
N SER A 244 2.84 10.45 -14.45
CA SER A 244 3.67 10.25 -13.28
C SER A 244 5.12 10.65 -13.53
N ASN A 245 5.83 10.90 -12.44
CA ASN A 245 7.25 11.24 -12.35
C ASN A 245 7.45 12.76 -12.22
N LEU A 246 8.69 13.17 -11.98
CA LEU A 246 8.93 14.51 -11.50
C LEU A 246 8.58 15.55 -12.56
N GLY A 247 8.49 15.17 -13.84
CA GLY A 247 8.08 16.12 -14.88
C GLY A 247 6.64 16.58 -14.80
N VAL A 248 5.86 16.05 -13.85
CA VAL A 248 4.50 16.56 -13.59
C VAL A 248 4.53 17.87 -12.80
N LEU A 249 5.68 18.19 -12.18
CA LEU A 249 5.83 19.51 -11.61
C LEU A 249 5.95 20.54 -12.72
N LYS A 250 5.45 21.75 -12.43
CA LYS A 250 5.43 22.85 -13.40
C LYS A 250 6.03 24.09 -12.79
N ALA A 251 7.09 24.60 -13.41
CA ALA A 251 7.81 25.72 -12.81
C ALA A 251 6.89 26.92 -12.62
N ASP A 252 5.93 27.11 -13.52
CA ASP A 252 5.08 28.33 -13.52
C ASP A 252 3.85 28.16 -12.64
N ALA A 253 3.70 27.05 -11.93
CA ALA A 253 2.54 26.87 -11.11
C ALA A 253 2.98 26.75 -9.65
N VAL A 254 2.02 26.88 -8.74
CA VAL A 254 2.25 26.55 -7.33
C VAL A 254 2.21 25.03 -7.23
N ASN A 255 3.36 24.39 -6.95
CA ASN A 255 3.35 22.93 -6.87
C ASN A 255 3.14 22.49 -5.44
N VAL A 256 2.08 21.73 -5.21
CA VAL A 256 1.71 21.28 -3.88
C VAL A 256 1.66 19.78 -3.87
N ALA A 257 2.50 19.15 -3.07
CA ALA A 257 2.46 17.70 -2.94
C ALA A 257 1.64 17.28 -1.73
N VAL A 258 0.74 16.33 -1.95
CA VAL A 258 0.09 15.64 -0.85
C VAL A 258 0.79 14.31 -0.60
N HIS A 259 1.15 14.06 0.66
CA HIS A 259 2.08 12.99 0.97
C HIS A 259 1.65 12.38 2.30
N GLY A 260 1.76 11.07 2.40
CA GLY A 260 1.30 10.29 3.53
C GLY A 260 0.37 9.18 2.99
N HIS A 261 -0.72 8.92 3.71
CA HIS A 261 -1.61 7.80 3.42
C HIS A 261 -3.10 8.07 3.45
N ASN A 262 -3.55 8.84 4.42
CA ASN A 262 -4.98 9.01 4.65
CA ASN A 262 -4.98 9.00 4.62
C ASN A 262 -5.46 10.20 3.83
N PRO A 263 -6.40 10.02 2.89
CA PRO A 263 -6.84 11.11 2.01
C PRO A 263 -7.87 12.03 2.62
N VAL A 264 -8.17 11.89 3.92
CA VAL A 264 -9.27 12.68 4.49
CA VAL A 264 -9.25 12.69 4.51
C VAL A 264 -9.00 14.16 4.28
N LEU A 265 -7.77 14.61 4.47
CA LEU A 265 -7.37 16.00 4.20
CA LEU A 265 -7.56 16.05 4.12
C LEU A 265 -7.07 16.27 2.66
N SER A 266 -6.36 15.33 2.07
CA SER A 266 -5.86 15.50 0.71
CA SER A 266 -5.89 15.63 0.73
C SER A 266 -6.97 15.53 -0.32
N ASP A 267 -8.03 14.77 -0.09
CA ASP A 267 -9.17 14.85 -1.00
C ASP A 267 -9.76 16.26 -0.97
N ILE A 268 -9.77 16.87 0.20
CA ILE A 268 -10.24 18.25 0.36
C ILE A 268 -9.26 19.23 -0.27
N ILE A 269 -7.95 19.00 -0.11
CA ILE A 269 -6.97 19.89 -0.73
C ILE A 269 -7.23 19.95 -2.24
N VAL A 270 -7.55 18.80 -2.83
CA VAL A 270 -7.77 18.73 -4.27
C VAL A 270 -8.93 19.63 -4.65
N SER A 271 -10.06 19.55 -3.93
CA SER A 271 -11.23 20.37 -4.25
C SER A 271 -10.94 21.85 -4.08
N VAL A 272 -10.42 22.22 -2.91
CA VAL A 272 -10.20 23.64 -2.61
C VAL A 272 -9.20 24.23 -3.57
N SER A 273 -8.18 23.45 -3.96
CA SER A 273 -7.15 23.99 -4.84
CA SER A 273 -7.15 23.97 -4.85
C SER A 273 -7.76 24.55 -6.13
N LYS A 274 -8.83 23.92 -6.61
CA LYS A 274 -9.50 24.40 -7.82
C LYS A 274 -10.25 25.70 -7.57
N GLU A 275 -10.77 25.92 -6.36
CA GLU A 275 -11.40 27.20 -6.05
C GLU A 275 -10.40 28.35 -6.07
N MET A 276 -9.14 28.09 -5.77
CA MET A 276 -8.17 29.16 -5.57
C MET A 276 -7.30 29.40 -6.79
N GLU A 277 -7.72 28.91 -7.96
CA GLU A 277 -6.95 29.14 -9.18
C GLU A 277 -6.77 30.62 -9.46
N ASN A 278 -7.79 31.43 -9.16
CA ASN A 278 -7.69 32.89 -9.33
C ASN A 278 -6.83 33.53 -8.28
N GLU A 279 -6.93 33.09 -7.03
CA GLU A 279 -6.01 33.57 -6.01
C GLU A 279 -4.57 33.21 -6.36
N ALA A 280 -4.34 32.03 -6.94
CA ALA A 280 -3.00 31.66 -7.37
C ALA A 280 -2.53 32.51 -8.56
N ARG A 281 -3.42 32.74 -9.56
CA ARG A 281 -3.07 33.55 -10.73
C ARG A 281 -2.65 34.96 -10.32
N ALA A 282 -3.29 35.52 -9.29
CA ALA A 282 -2.94 36.85 -8.80
C ALA A 282 -1.54 36.95 -8.18
N ALA A 283 -1.02 35.84 -7.69
CA ALA A 283 0.34 35.77 -7.12
C ALA A 283 1.36 35.49 -8.22
N GLY A 284 0.92 35.43 -9.48
CA GLY A 284 1.82 35.19 -10.59
C GLY A 284 1.97 33.74 -11.04
N ALA A 285 1.17 32.81 -10.53
CA ALA A 285 1.24 31.41 -10.94
C ALA A 285 0.18 31.15 -12.00
N THR A 286 0.32 30.05 -12.75
CA THR A 286 -0.75 29.66 -13.66
C THR A 286 -1.95 29.08 -12.93
N GLY A 287 -1.74 28.63 -11.70
CA GLY A 287 -2.74 27.88 -10.97
C GLY A 287 -2.04 27.11 -9.87
N ILE A 288 -2.80 26.26 -9.19
CA ILE A 288 -2.26 25.34 -8.20
C ILE A 288 -2.19 23.96 -8.81
N ASN A 289 -0.99 23.40 -8.79
CA ASN A 289 -0.69 22.09 -9.38
C ASN A 289 -0.52 21.12 -8.21
N VAL A 290 -1.59 20.43 -7.86
CA VAL A 290 -1.51 19.41 -6.82
C VAL A 290 -0.94 18.14 -7.43
N VAL A 291 0.06 17.57 -6.77
CA VAL A 291 0.65 16.33 -7.24
C VAL A 291 0.78 15.40 -6.02
N GLY A 292 0.90 14.10 -6.31
CA GLY A 292 0.88 13.07 -5.27
C GLY A 292 2.26 12.56 -4.96
N ILE A 293 2.47 12.22 -3.71
CA ILE A 293 3.61 11.40 -3.28
C ILE A 293 3.02 10.29 -2.46
N CSO A 294 3.57 9.08 -2.61
CA CSO A 294 3.21 7.93 -1.79
CA CSO A 294 3.22 7.97 -1.72
CB CSO A 294 3.74 8.08 -0.36
CB CSO A 294 3.56 8.33 -0.27
SG CSO A 294 5.52 7.79 -0.34
SG CSO A 294 3.83 6.83 0.73
C CSO A 294 1.72 7.65 -1.86
O CSO A 294 1.10 7.93 -2.90
OD CSO A 294 6.04 6.93 1.09
HA CSO A 294 3.67 7.14 -2.17
HA CSO A 294 3.73 7.18 -1.97
HB2 CSO A 294 3.33 7.43 0.22
HB2 CSO A 294 2.83 8.84 0.11
HB3 CSO A 294 3.55 8.98 -0.05
HB3 CSO A 294 4.38 8.85 -0.25
N CYS A 295 1.15 7.09 -0.79
N CYS A 295 1.14 7.07 -0.82
CA CYS A 295 -0.16 6.51 -0.92
CA CYS A 295 -0.20 6.52 -1.00
C CYS A 295 -1.26 7.54 -0.94
C CYS A 295 -1.33 7.53 -0.91
N THR A 296 -1.16 8.64 -0.20
CA THR A 296 -2.21 9.64 -0.35
CA THR A 296 -2.15 9.71 -0.33
C THR A 296 -2.20 10.17 -1.77
N GLY A 297 -1.01 10.20 -2.40
CA GLY A 297 -0.98 10.46 -3.83
C GLY A 297 -1.71 9.42 -4.64
N ASN A 298 -1.51 8.14 -4.33
CA ASN A 298 -2.30 7.10 -5.00
C ASN A 298 -3.81 7.30 -4.82
N GLU A 299 -4.23 7.73 -3.64
CA GLU A 299 -5.66 7.88 -3.39
C GLU A 299 -6.25 8.92 -4.32
N VAL A 300 -5.59 10.08 -4.46
CA VAL A 300 -6.13 11.16 -5.31
C VAL A 300 -5.85 10.91 -6.77
N LEU A 301 -4.85 10.11 -7.09
CA LEU A 301 -4.66 9.62 -8.47
C LEU A 301 -5.82 8.72 -8.87
N MET A 302 -6.18 7.79 -8.03
CA MET A 302 -7.22 6.83 -8.39
C MET A 302 -8.58 7.49 -8.49
N ARG A 303 -8.87 8.49 -7.65
CA ARG A 303 -10.20 9.08 -7.65
C ARG A 303 -10.31 10.30 -8.54
N HIS A 304 -9.25 11.04 -8.74
CA HIS A 304 -9.33 12.32 -9.42
C HIS A 304 -8.31 12.52 -10.50
N GLY A 305 -7.48 11.55 -10.75
CA GLY A 305 -6.46 11.76 -11.77
C GLY A 305 -5.35 12.70 -11.44
N ILE A 306 -5.09 12.96 -10.18
CA ILE A 306 -4.00 13.83 -9.82
C ILE A 306 -2.72 13.12 -10.21
N PRO A 307 -1.78 13.80 -10.87
CA PRO A 307 -0.54 13.16 -11.29
C PRO A 307 0.36 12.85 -10.11
N ALA A 308 1.05 11.72 -10.21
CA ALA A 308 1.96 11.27 -9.14
C ALA A 308 3.37 11.76 -9.41
N CYS A 309 3.90 12.53 -8.49
CA CYS A 309 5.25 13.11 -8.59
C CYS A 309 6.33 12.04 -8.37
N THR A 310 6.30 11.35 -7.21
CA THR A 310 7.28 10.30 -6.96
C THR A 310 6.78 9.51 -5.76
N HIS A 311 7.62 8.56 -5.31
CA HIS A 311 7.22 7.61 -4.32
C HIS A 311 8.38 7.29 -3.39
N SER A 312 8.03 6.87 -2.20
CA SER A 312 8.90 6.12 -1.32
C SER A 312 10.30 6.68 -1.22
N VAL A 313 11.27 5.84 -1.52
CA VAL A 313 12.66 6.16 -1.22
C VAL A 313 13.10 7.45 -1.88
N SER A 314 12.55 7.81 -3.04
CA SER A 314 12.96 9.01 -3.78
C SER A 314 12.17 10.27 -3.41
N GLN A 315 11.34 10.23 -2.36
CA GLN A 315 10.52 11.40 -2.06
C GLN A 315 11.28 12.72 -1.89
N GLU A 316 12.51 12.69 -1.36
CA GLU A 316 13.23 13.95 -1.19
C GLU A 316 13.53 14.60 -2.51
N MET A 317 13.55 13.83 -3.58
CA MET A 317 13.98 14.37 -4.85
C MET A 317 13.00 15.39 -5.41
N ALA A 318 11.72 15.23 -5.10
CA ALA A 318 10.75 16.23 -5.53
C ALA A 318 11.15 17.60 -4.98
N MET A 319 11.67 17.65 -3.76
CA MET A 319 12.08 18.93 -3.19
C MET A 319 13.32 19.48 -3.87
N ILE A 320 14.24 18.60 -4.27
CA ILE A 320 15.52 19.00 -4.85
C ILE A 320 15.31 19.76 -6.16
N THR A 321 14.15 19.62 -6.82
CA THR A 321 13.94 20.38 -8.04
C THR A 321 13.98 21.87 -7.80
N GLY A 322 13.61 22.33 -6.60
CA GLY A 322 13.46 23.73 -6.29
C GLY A 322 12.08 24.29 -6.58
N ALA A 323 11.21 23.48 -7.16
CA ALA A 323 9.89 23.93 -7.56
C ALA A 323 8.78 23.46 -6.64
N LEU A 324 9.12 22.73 -5.58
CA LEU A 324 8.06 22.18 -4.71
C LEU A 324 7.73 23.20 -3.62
N ASP A 325 6.60 23.87 -3.75
CA ASP A 325 6.27 24.98 -2.86
C ASP A 325 5.72 24.51 -1.54
N ALA A 326 4.99 23.41 -1.52
CA ALA A 326 4.52 22.85 -0.25
C ALA A 326 4.45 21.33 -0.32
N MET A 327 4.69 20.70 0.83
CA MET A 327 4.51 19.26 0.96
C MET A 327 3.58 19.11 2.18
N ILE A 328 2.38 18.59 1.94
CA ILE A 328 1.32 18.50 2.95
C ILE A 328 1.24 17.08 3.46
N LEU A 329 1.56 16.89 4.75
CA LEU A 329 1.82 15.57 5.32
C LEU A 329 0.68 15.16 6.26
N ASP A 330 0.34 13.88 6.24
CA ASP A 330 -0.56 13.28 7.25
C ASP A 330 0.33 12.31 8.05
N TYR A 331 0.41 11.03 7.71
CA TYR A 331 1.24 10.09 8.42
C TYR A 331 1.65 8.93 7.54
N GLN A 332 2.74 8.27 7.98
CA GLN A 332 3.30 7.00 7.49
C GLN A 332 4.17 7.24 6.26
N CYS A 333 5.39 6.69 6.31
CA CYS A 333 6.27 6.56 5.17
C CYS A 333 6.85 7.92 4.73
N ILE A 334 6.74 8.95 5.57
CA ILE A 334 7.34 10.24 5.30
C ILE A 334 8.72 10.30 5.91
N GLN A 335 9.74 10.41 5.09
CA GLN A 335 11.11 10.50 5.64
C GLN A 335 11.21 11.79 6.45
N PRO A 336 11.56 11.76 7.74
CA PRO A 336 11.60 13.02 8.49
C PRO A 336 12.70 13.97 8.02
N SER A 337 13.61 13.48 7.20
CA SER A 337 14.61 14.33 6.55
C SER A 337 13.95 15.46 5.76
N VAL A 338 12.72 15.27 5.30
CA VAL A 338 12.08 16.34 4.52
C VAL A 338 12.06 17.67 5.30
N ALA A 339 11.91 17.63 6.63
CA ALA A 339 11.85 18.87 7.38
C ALA A 339 13.15 19.64 7.35
N THR A 340 14.31 18.94 7.31
CA THR A 340 15.59 19.61 7.24
CA THR A 340 15.57 19.65 7.24
C THR A 340 15.93 20.01 5.80
N ILE A 341 15.58 19.15 4.83
CA ILE A 341 15.88 19.48 3.43
C ILE A 341 15.13 20.71 3.04
N ALA A 342 13.98 20.95 3.66
CA ALA A 342 13.14 22.08 3.21
C ALA A 342 13.81 23.43 3.46
N GLU A 343 14.69 23.49 4.47
CA GLU A 343 15.47 24.70 4.69
C GLU A 343 16.37 25.01 3.50
N CYS A 344 16.85 23.99 2.78
CA CYS A 344 17.75 24.18 1.66
C CYS A 344 16.99 24.37 0.34
N THR A 345 15.79 23.86 0.24
CA THR A 345 15.07 23.85 -1.02
C THR A 345 13.97 24.90 -1.10
N GLY A 346 13.57 25.48 0.03
N GLY A 346 13.59 25.52 0.00
CA GLY A 346 12.52 26.50 0.08
CA GLY A 346 12.50 26.48 -0.13
C GLY A 346 11.13 25.97 0.39
C GLY A 346 11.15 25.82 -0.32
N THR A 347 10.95 24.67 0.28
CA THR A 347 9.64 24.06 0.35
C THR A 347 9.06 24.28 1.72
N THR A 348 7.78 24.51 1.78
CA THR A 348 7.08 24.55 3.04
C THR A 348 6.50 23.17 3.34
N VAL A 349 7.03 22.54 4.39
CA VAL A 349 6.59 21.22 4.86
C VAL A 349 5.60 21.42 5.99
N ILE A 350 4.41 20.88 5.83
CA ILE A 350 3.29 21.10 6.73
C ILE A 350 2.77 19.76 7.25
N THR A 351 2.75 19.61 8.56
CA THR A 351 2.10 18.48 9.19
C THR A 351 0.68 18.88 9.56
N THR A 352 -0.17 17.88 9.71
CA THR A 352 -1.61 18.11 9.91
C THR A 352 -2.28 17.22 10.94
N MET A 353 -1.63 16.15 11.39
CA MET A 353 -2.22 15.17 12.30
C MET A 353 -1.50 15.25 13.65
N GLU A 354 -2.28 15.27 14.73
CA GLU A 354 -1.71 15.46 16.05
C GLU A 354 -0.66 14.42 16.42
N MET A 355 -0.82 13.17 15.96
CA MET A 355 0.12 12.11 16.32
CA MET A 355 0.14 12.14 16.35
C MET A 355 1.26 11.97 15.38
N SER A 356 1.45 12.92 14.44
CA SER A 356 2.57 12.81 13.49
C SER A 356 3.11 14.20 13.18
N LYS A 357 4.04 14.64 14.00
CA LYS A 357 4.70 15.94 13.87
C LYS A 357 6.16 15.73 13.52
N ILE A 358 6.80 16.71 12.91
CA ILE A 358 8.23 16.60 12.62
C ILE A 358 8.89 17.89 13.04
N THR A 359 9.92 17.80 13.91
CA THR A 359 10.56 19.00 14.40
C THR A 359 11.00 19.84 13.20
N GLY A 360 10.69 21.10 13.22
CA GLY A 360 11.05 22.04 12.16
C GLY A 360 10.02 22.23 11.10
N ALA A 361 9.00 21.40 11.03
CA ALA A 361 7.93 21.61 10.06
C ALA A 361 6.86 22.49 10.66
N THR A 362 6.08 23.12 9.81
CA THR A 362 4.98 23.92 10.29
C THR A 362 3.80 22.98 10.53
N HIS A 363 3.14 23.11 11.67
CA HIS A 363 1.96 22.29 11.96
C HIS A 363 0.67 23.09 11.78
N VAL A 364 -0.29 22.53 11.03
CA VAL A 364 -1.66 23.05 10.89
C VAL A 364 -2.61 22.00 11.47
N ASN A 365 -3.35 22.35 12.51
CA ASN A 365 -4.17 21.36 13.20
C ASN A 365 -5.48 21.09 12.46
N PHE A 366 -5.42 20.16 11.49
CA PHE A 366 -6.56 19.92 10.61
C PHE A 366 -7.71 19.26 11.41
N ALA A 367 -8.90 19.75 11.18
CA ALA A 367 -10.07 19.21 11.82
C ALA A 367 -11.09 19.02 10.72
N GLU A 368 -11.77 17.87 10.70
CA GLU A 368 -12.71 17.61 9.61
C GLU A 368 -13.80 18.66 9.62
N GLU A 369 -14.14 19.15 10.81
CA GLU A 369 -15.13 20.20 10.97
C GLU A 369 -14.69 21.52 10.38
N ALA A 370 -13.39 21.71 10.14
CA ALA A 370 -12.84 22.95 9.60
C ALA A 370 -12.06 22.71 8.30
N ALA A 371 -12.36 21.62 7.59
CA ALA A 371 -11.45 21.13 6.55
C ALA A 371 -11.21 22.16 5.47
N VAL A 372 -12.26 22.82 4.98
CA VAL A 372 -12.06 23.79 3.90
C VAL A 372 -11.20 24.94 4.39
N GLU A 373 -11.51 25.46 5.58
CA GLU A 373 -10.69 26.56 6.07
CA GLU A 373 -10.71 26.53 6.19
C GLU A 373 -9.24 26.12 6.27
N ASN A 374 -8.99 24.93 6.84
CA ASN A 374 -7.60 24.50 7.00
C ASN A 374 -6.90 24.33 5.66
N ALA A 375 -7.62 23.82 4.67
CA ALA A 375 -7.05 23.68 3.35
C ALA A 375 -6.64 25.03 2.75
N LYS A 376 -7.46 26.06 2.96
CA LYS A 376 -7.15 27.38 2.42
C LYS A 376 -5.95 27.99 3.13
N GLN A 377 -5.84 27.80 4.44
CA GLN A 377 -4.68 28.27 5.18
C GLN A 377 -3.42 27.61 4.63
N ILE A 378 -3.47 26.28 4.43
CA ILE A 378 -2.32 25.55 3.92
C ILE A 378 -1.97 25.99 2.51
N LEU A 379 -2.98 26.10 1.62
CA LEU A 379 -2.69 26.51 0.25
C LEU A 379 -2.17 27.94 0.18
N ARG A 380 -2.61 28.80 1.07
CA ARG A 380 -2.07 30.16 1.10
C ARG A 380 -0.61 30.17 1.50
N LEU A 381 -0.20 29.29 2.43
CA LEU A 381 1.23 29.14 2.71
C LEU A 381 1.99 28.73 1.44
N ALA A 382 1.41 27.82 0.66
CA ALA A 382 2.08 27.37 -0.55
C ALA A 382 2.14 28.48 -1.57
N ILE A 383 1.10 29.32 -1.64
CA ILE A 383 1.13 30.44 -2.58
C ILE A 383 2.21 31.44 -2.18
N ASP A 384 2.32 31.70 -0.88
CA ASP A 384 3.34 32.60 -0.36
C ASP A 384 4.73 32.08 -0.76
N THR A 385 4.91 30.75 -0.68
CA THR A 385 6.20 30.14 -1.01
C THR A 385 6.51 30.25 -2.50
N PHE A 386 5.51 30.00 -3.36
CA PHE A 386 5.69 30.25 -4.77
C PHE A 386 6.23 31.66 -5.01
N LYS A 387 5.60 32.67 -4.38
CA LYS A 387 6.00 34.05 -4.61
C LYS A 387 7.46 34.24 -4.25
N ARG A 388 7.92 33.58 -3.19
CA ARG A 388 9.26 33.78 -2.69
C ARG A 388 10.29 33.21 -3.65
N ARG A 389 9.92 32.27 -4.51
CA ARG A 389 10.85 31.74 -5.50
C ARG A 389 10.71 32.42 -6.86
N LYS A 390 9.96 33.49 -6.97
CA LYS A 390 9.96 34.27 -8.23
C LYS A 390 11.41 34.55 -8.63
N GLY A 391 11.79 34.14 -9.84
CA GLY A 391 13.12 34.41 -10.36
C GLY A 391 14.23 33.44 -10.00
N LYS A 392 13.96 32.47 -9.15
CA LYS A 392 14.94 31.43 -8.82
C LYS A 392 14.92 30.36 -9.91
N PRO A 393 16.07 29.88 -10.38
CA PRO A 393 16.01 28.79 -11.34
C PRO A 393 15.60 27.52 -10.63
N VAL A 394 14.88 26.69 -11.35
CA VAL A 394 14.49 25.36 -10.87
C VAL A 394 15.00 24.36 -11.88
N GLU A 395 15.02 23.07 -11.50
CA GLU A 395 15.52 22.01 -12.38
C GLU A 395 14.52 20.88 -12.22
N ILE A 396 13.48 20.91 -13.02
CA ILE A 396 12.51 19.82 -13.07
C ILE A 396 12.89 18.90 -14.22
N PRO A 397 13.23 17.63 -13.94
CA PRO A 397 13.53 16.72 -15.07
C PRO A 397 12.32 16.63 -15.97
N ASN A 398 12.52 16.74 -17.29
CA ASN A 398 11.41 16.71 -18.22
C ASN A 398 11.06 15.28 -18.56
N ILE A 399 10.73 14.54 -17.49
CA ILE A 399 10.58 13.11 -17.57
C ILE A 399 9.24 12.77 -16.95
N LYS A 400 8.39 12.10 -17.72
CA LYS A 400 7.13 11.64 -17.17
C LYS A 400 6.61 10.51 -18.03
N THR A 401 5.70 9.74 -17.44
CA THR A 401 5.02 8.66 -18.14
C THR A 401 3.52 8.90 -18.13
N LYS A 402 2.83 8.33 -19.12
CA LYS A 402 1.38 8.27 -19.10
C LYS A 402 0.91 7.10 -18.21
N VAL A 403 -0.14 7.35 -17.41
CA VAL A 403 -0.69 6.36 -16.47
C VAL A 403 -2.17 6.25 -16.67
N VAL A 404 -2.61 5.06 -17.00
CA VAL A 404 -4.02 4.67 -16.90
C VAL A 404 -4.19 3.88 -15.59
N ALA A 405 -5.13 4.29 -14.76
CA ALA A 405 -5.28 3.72 -13.42
C ALA A 405 -6.76 3.75 -13.06
N GLY A 406 -7.09 3.57 -11.78
CA GLY A 406 -8.46 3.58 -11.33
C GLY A 406 -9.14 2.23 -11.37
N PHE A 407 -8.38 1.13 -11.33
CA PHE A 407 -8.96 -0.21 -11.41
C PHE A 407 -9.32 -0.76 -10.04
N SER A 408 -10.33 -0.15 -9.42
CA SER A 408 -10.97 -0.79 -8.28
C SER A 408 -11.55 -2.13 -8.73
N THR A 409 -11.88 -2.97 -7.76
CA THR A 409 -12.48 -4.25 -8.11
C THR A 409 -13.81 -4.06 -8.82
N GLU A 410 -14.58 -3.06 -8.40
CA GLU A 410 -15.82 -2.74 -9.09
C GLU A 410 -15.54 -2.35 -10.53
N ALA A 411 -14.49 -1.56 -10.75
CA ALA A 411 -14.16 -1.16 -12.12
C ALA A 411 -13.74 -2.36 -12.95
N ILE A 412 -12.97 -3.28 -12.37
CA ILE A 412 -12.53 -4.44 -13.13
C ILE A 412 -13.74 -5.31 -13.50
N ILE A 413 -14.63 -5.57 -12.53
CA ILE A 413 -15.84 -6.32 -12.80
C ILE A 413 -16.68 -5.64 -13.87
N ASN A 414 -16.82 -4.32 -13.80
CA ASN A 414 -17.59 -3.63 -14.82
CA ASN A 414 -17.60 -3.60 -14.81
C ASN A 414 -16.93 -3.73 -16.19
N ALA A 415 -15.59 -3.63 -16.25
CA ALA A 415 -14.93 -3.77 -17.55
C ALA A 415 -15.12 -5.16 -18.10
N LEU A 416 -14.98 -6.18 -17.26
CA LEU A 416 -15.25 -7.54 -17.74
C LEU A 416 -16.70 -7.77 -18.15
N SER A 417 -17.64 -7.08 -17.51
CA SER A 417 -19.05 -7.28 -17.81
C SER A 417 -19.39 -6.89 -19.23
N LYS A 418 -18.53 -6.12 -19.90
CA LYS A 418 -18.77 -5.78 -21.29
C LYS A 418 -18.53 -6.96 -22.20
N LEU A 419 -17.80 -7.98 -21.69
CA LEU A 419 -17.66 -9.23 -22.40
C LEU A 419 -18.66 -10.31 -22.00
N ASN A 420 -19.25 -10.20 -20.80
CA ASN A 420 -20.26 -11.17 -20.34
C ASN A 420 -21.04 -10.45 -19.24
N ALA A 421 -22.23 -9.93 -19.60
CA ALA A 421 -22.93 -8.99 -18.74
C ALA A 421 -23.35 -9.63 -17.43
N ASN A 422 -23.91 -10.82 -17.49
CA ASN A 422 -24.46 -11.45 -16.29
C ASN A 422 -23.51 -12.41 -15.58
N ASP A 423 -22.29 -12.59 -16.08
CA ASP A 423 -21.30 -13.44 -15.42
C ASP A 423 -19.95 -12.81 -15.69
N PRO A 424 -19.67 -11.65 -15.06
CA PRO A 424 -18.50 -10.86 -15.46
C PRO A 424 -17.18 -11.53 -15.13
N LEU A 425 -17.14 -12.38 -14.11
CA LEU A 425 -15.86 -13.04 -13.87
C LEU A 425 -15.55 -14.16 -14.87
N LYS A 426 -16.56 -14.67 -15.58
CA LYS A 426 -16.35 -15.83 -16.45
C LYS A 426 -15.36 -15.56 -17.58
N PRO A 427 -15.35 -14.40 -18.23
CA PRO A 427 -14.32 -14.17 -19.25
C PRO A 427 -12.91 -14.21 -18.68
N LEU A 428 -12.71 -13.73 -17.45
CA LEU A 428 -11.39 -13.85 -16.85
C LEU A 428 -11.05 -15.30 -16.60
N ILE A 429 -11.98 -16.04 -15.98
CA ILE A 429 -11.73 -17.45 -15.72
C ILE A 429 -11.55 -18.22 -17.03
N ASP A 430 -12.34 -17.93 -18.07
CA ASP A 430 -12.18 -18.67 -19.33
C ASP A 430 -10.74 -18.54 -19.83
N ASN A 431 -10.16 -17.36 -19.69
CA ASN A 431 -8.82 -17.14 -20.20
C ASN A 431 -7.73 -17.64 -19.28
N VAL A 432 -8.02 -17.79 -17.99
CA VAL A 432 -7.10 -18.57 -17.14
C VAL A 432 -7.09 -20.02 -17.60
N VAL A 433 -8.25 -20.61 -17.81
CA VAL A 433 -8.34 -22.02 -18.18
C VAL A 433 -7.67 -22.29 -19.51
N ASN A 434 -7.88 -21.42 -20.50
CA ASN A 434 -7.29 -21.64 -21.83
C ASN A 434 -5.85 -21.19 -21.91
N GLY A 435 -5.31 -20.63 -20.82
CA GLY A 435 -3.92 -20.27 -20.80
C GLY A 435 -3.56 -18.89 -21.32
N ASN A 436 -4.52 -18.12 -21.85
CA ASN A 436 -4.20 -16.76 -22.24
C ASN A 436 -3.78 -15.92 -21.04
N ILE A 437 -4.29 -16.24 -19.86
CA ILE A 437 -3.87 -15.63 -18.57
C ILE A 437 -3.30 -16.78 -17.74
N ARG A 438 -2.01 -16.74 -17.45
CA ARG A 438 -1.40 -17.84 -16.72
C ARG A 438 -1.85 -17.83 -15.26
N GLY A 439 -1.92 -16.64 -14.68
CA GLY A 439 -2.34 -16.46 -13.31
C GLY A 439 -2.37 -14.98 -13.03
N VAL A 440 -2.39 -14.63 -11.73
CA VAL A 440 -2.49 -13.26 -11.26
C VAL A 440 -1.35 -13.03 -10.27
N CYS A 441 -0.64 -11.92 -10.41
CA CYS A 441 0.36 -11.48 -9.42
C CYS A 441 0.05 -10.08 -8.97
N LEU A 442 -0.03 -9.91 -7.67
CA LEU A 442 -0.15 -8.62 -7.01
C LEU A 442 1.23 -8.14 -6.57
N PHE A 443 1.66 -6.99 -7.06
CA PHE A 443 2.84 -6.31 -6.55
C PHE A 443 2.39 -5.29 -5.52
N ALA A 444 3.05 -5.30 -4.36
CA ALA A 444 2.66 -4.47 -3.24
C ALA A 444 3.91 -3.98 -2.54
N GLY A 445 3.72 -3.00 -1.64
CA GLY A 445 4.78 -2.54 -0.75
C GLY A 445 5.57 -1.39 -1.31
N CYS A 446 6.72 -1.18 -0.74
CA CYS A 446 7.56 0.02 -0.73
C CYS A 446 8.71 -0.18 -1.71
N ASN A 447 9.52 0.87 -1.88
CA ASN A 447 10.94 0.79 -2.25
C ASN A 447 11.77 0.68 -0.96
N ASN A 448 13.00 0.24 -1.08
CA ASN A 448 13.92 0.10 0.09
C ASN A 448 15.30 0.49 -0.37
N VAL A 449 15.97 1.39 0.36
CA VAL A 449 17.29 1.84 -0.07
C VAL A 449 18.31 0.75 -0.33
N LYS A 450 18.10 -0.45 0.22
CA LYS A 450 19.03 -1.56 -0.03
C LYS A 450 18.97 -2.04 -1.46
N VAL A 451 17.88 -1.78 -2.19
CA VAL A 451 17.64 -2.32 -3.51
C VAL A 451 17.64 -1.14 -4.47
N PRO A 452 18.39 -1.14 -5.56
CA PRO A 452 18.30 -0.04 -6.52
C PRO A 452 16.85 0.20 -6.86
N GLN A 453 16.43 1.44 -6.73
CA GLN A 453 15.01 1.72 -6.72
C GLN A 453 14.32 1.19 -7.96
N ASP A 454 13.25 0.43 -7.74
CA ASP A 454 12.36 -0.14 -8.76
C ASP A 454 12.93 -1.35 -9.46
N GLN A 455 14.18 -1.71 -9.24
CA GLN A 455 14.81 -2.76 -10.02
C GLN A 455 14.08 -4.09 -9.87
N ASN A 456 13.66 -4.43 -8.64
CA ASN A 456 13.00 -5.73 -8.50
C ASN A 456 11.59 -5.69 -9.08
N PHE A 457 10.83 -4.63 -8.81
CA PHE A 457 9.48 -4.56 -9.38
C PHE A 457 9.53 -4.72 -10.89
N THR A 458 10.42 -3.96 -11.56
CA THR A 458 10.35 -3.95 -13.01
C THR A 458 10.94 -5.23 -13.60
N THR A 459 11.98 -5.80 -12.97
CA THR A 459 12.56 -7.03 -13.47
C THR A 459 11.57 -8.19 -13.35
N ILE A 460 10.92 -8.31 -12.19
CA ILE A 460 9.97 -9.40 -12.00
C ILE A 460 8.75 -9.20 -12.90
N ALA A 461 8.25 -7.97 -12.94
CA ALA A 461 7.03 -7.75 -13.72
C ALA A 461 7.28 -8.08 -15.19
N ARG A 462 8.43 -7.68 -15.72
CA ARG A 462 8.65 -7.96 -17.14
C ARG A 462 8.63 -9.46 -17.43
N LYS A 463 9.23 -10.27 -16.57
CA LYS A 463 9.22 -11.69 -16.83
C LYS A 463 7.83 -12.28 -16.70
N LEU A 464 7.08 -11.86 -15.68
CA LEU A 464 5.71 -12.36 -15.51
C LEU A 464 4.82 -11.96 -16.68
N LEU A 465 4.91 -10.71 -17.15
CA LEU A 465 4.03 -10.27 -18.23
C LEU A 465 4.31 -11.01 -19.53
N LYS A 466 5.58 -11.35 -19.80
CA LYS A 466 5.92 -12.15 -20.98
C LYS A 466 5.36 -13.55 -20.87
N GLN A 467 5.11 -14.03 -19.65
CA GLN A 467 4.55 -15.36 -19.42
C GLN A 467 3.03 -15.30 -19.20
N ASN A 468 2.41 -14.23 -19.64
CA ASN A 468 0.95 -14.06 -19.69
C ASN A 468 0.30 -13.95 -18.31
N VAL A 469 1.03 -13.46 -17.31
CA VAL A 469 0.46 -13.24 -16.00
C VAL A 469 -0.24 -11.89 -16.00
N LEU A 470 -1.48 -11.86 -15.48
CA LEU A 470 -2.20 -10.64 -15.19
C LEU A 470 -1.61 -10.01 -13.95
N VAL A 471 -1.02 -8.85 -14.11
CA VAL A 471 -0.33 -8.16 -13.03
C VAL A 471 -1.16 -7.00 -12.54
N VAL A 472 -1.39 -6.98 -11.25
CA VAL A 472 -2.07 -5.89 -10.56
C VAL A 472 -1.11 -5.33 -9.54
N ALA A 473 -1.30 -4.09 -9.15
CA ALA A 473 -0.34 -3.44 -8.27
C ALA A 473 -0.97 -2.38 -7.40
N THR A 474 -0.35 -2.17 -6.24
CA THR A 474 -0.79 -1.15 -5.31
C THR A 474 0.40 -0.41 -4.72
N GLY A 475 0.09 0.67 -4.04
CA GLY A 475 1.08 1.35 -3.24
C GLY A 475 2.27 1.78 -4.04
N CYS A 476 3.44 1.64 -3.45
CA CYS A 476 4.68 2.00 -4.12
C CYS A 476 5.14 0.94 -5.12
N GLY A 477 4.50 -0.24 -5.14
CA GLY A 477 4.70 -1.14 -6.25
C GLY A 477 4.04 -0.58 -7.49
N ALA A 478 2.83 -0.09 -7.32
CA ALA A 478 2.19 0.63 -8.41
C ALA A 478 2.99 1.85 -8.79
N GLY A 479 3.57 2.57 -7.82
CA GLY A 479 4.37 3.74 -8.14
C GLY A 479 5.55 3.40 -9.02
N ALA A 480 6.27 2.36 -8.66
CA ALA A 480 7.43 1.93 -9.44
C ALA A 480 7.02 1.56 -10.86
N LEU A 481 5.96 0.79 -10.96
CA LEU A 481 5.54 0.34 -12.27
C LEU A 481 5.01 1.51 -13.10
N MET A 482 4.27 2.45 -12.50
CA MET A 482 3.79 3.56 -13.28
CA MET A 482 3.79 3.63 -13.19
C MET A 482 4.94 4.43 -13.79
N ARG A 483 5.96 4.69 -12.96
CA ARG A 483 7.07 5.56 -13.37
C ARG A 483 7.92 4.95 -14.46
N HIS A 484 7.77 3.64 -14.68
CA HIS A 484 8.54 2.95 -15.71
C HIS A 484 7.70 2.57 -16.91
N GLY A 485 6.48 3.07 -16.97
CA GLY A 485 5.69 2.91 -18.20
C GLY A 485 4.74 1.73 -18.21
N PHE A 486 4.61 1.03 -17.08
CA PHE A 486 3.85 -0.20 -17.08
C PHE A 486 2.35 0.05 -16.98
N MET A 487 1.92 1.31 -16.84
CA MET A 487 0.51 1.68 -16.83
CA MET A 487 0.50 1.61 -16.88
C MET A 487 0.15 2.42 -18.10
N ASP A 488 1.00 2.35 -19.13
CA ASP A 488 0.71 3.01 -20.40
C ASP A 488 0.36 1.93 -21.41
N PRO A 489 -0.87 1.92 -21.93
CA PRO A 489 -1.25 0.88 -22.87
C PRO A 489 -0.43 0.85 -24.13
N ALA A 490 0.26 1.96 -24.45
CA ALA A 490 1.12 1.94 -25.62
C ALA A 490 2.27 0.96 -25.46
N ASN A 491 2.52 0.49 -24.23
CA ASN A 491 3.60 -0.46 -23.99
C ASN A 491 3.14 -1.90 -23.96
N VAL A 492 1.85 -2.19 -24.26
CA VAL A 492 1.37 -3.56 -24.23
C VAL A 492 2.11 -4.45 -25.22
N ASP A 493 2.33 -3.97 -26.45
CA ASP A 493 2.99 -4.82 -27.44
C ASP A 493 4.39 -5.24 -26.98
N GLU A 494 5.12 -4.32 -26.39
CA GLU A 494 6.49 -4.63 -25.97
C GLU A 494 6.54 -5.52 -24.75
N LEU A 495 5.63 -5.34 -23.81
CA LEU A 495 5.74 -6.02 -22.52
C LEU A 495 4.99 -7.34 -22.40
N CYS A 496 3.86 -7.50 -23.08
CA CYS A 496 2.93 -8.55 -22.76
C CYS A 496 3.08 -9.72 -23.71
N GLY A 497 2.96 -10.92 -23.13
CA GLY A 497 2.82 -12.10 -23.95
C GLY A 497 1.57 -12.01 -24.82
N ASP A 498 1.53 -12.85 -25.86
CA ASP A 498 0.43 -12.78 -26.85
C ASP A 498 -0.93 -13.08 -26.20
N GLY A 499 -0.95 -14.04 -25.26
CA GLY A 499 -2.22 -14.36 -24.63
C GLY A 499 -2.74 -13.20 -23.81
N LEU A 500 -1.88 -12.65 -22.95
CA LEU A 500 -2.26 -11.53 -22.12
C LEU A 500 -2.64 -10.33 -22.99
N LYS A 501 -1.86 -10.07 -24.03
CA LYS A 501 -2.18 -8.97 -24.94
C LYS A 501 -3.58 -9.14 -25.53
N ALA A 502 -3.92 -10.35 -25.94
CA ALA A 502 -5.23 -10.59 -26.52
C ALA A 502 -6.32 -10.25 -25.51
N VAL A 503 -6.14 -10.66 -24.24
CA VAL A 503 -7.16 -10.40 -23.23
C VAL A 503 -7.27 -8.91 -22.92
N LEU A 504 -6.13 -8.24 -22.73
CA LEU A 504 -6.19 -6.82 -22.43
C LEU A 504 -6.82 -6.05 -23.56
N THR A 505 -6.53 -6.49 -24.78
CA THR A 505 -7.09 -5.82 -25.96
C THR A 505 -8.58 -6.04 -26.08
N ALA A 506 -9.03 -7.28 -25.82
CA ALA A 506 -10.46 -7.56 -25.92
C ALA A 506 -11.23 -6.76 -24.89
N ILE A 507 -10.73 -6.70 -23.64
CA ILE A 507 -11.45 -5.94 -22.63
C ILE A 507 -11.40 -4.46 -22.96
N GLY A 508 -10.22 -3.95 -23.31
CA GLY A 508 -10.11 -2.55 -23.70
C GLY A 508 -11.03 -2.16 -24.82
N GLU A 509 -11.04 -2.95 -25.88
CA GLU A 509 -11.89 -2.59 -27.02
C GLU A 509 -13.36 -2.64 -26.65
N ALA A 510 -13.75 -3.60 -25.80
CA ALA A 510 -15.15 -3.72 -25.41
C ALA A 510 -15.56 -2.58 -24.50
N ASN A 511 -14.60 -1.85 -23.92
CA ASN A 511 -14.88 -0.70 -23.08
C ASN A 511 -14.68 0.63 -23.83
N GLY A 512 -14.77 0.61 -25.17
CA GLY A 512 -14.72 1.83 -25.97
C GLY A 512 -13.46 2.63 -25.77
N LEU A 513 -12.31 1.97 -26.02
CA LEU A 513 -10.99 2.57 -25.86
C LEU A 513 -10.17 2.45 -27.13
N GLY A 514 -10.60 1.59 -28.07
CA GLY A 514 -9.85 1.36 -29.29
C GLY A 514 -8.46 0.87 -29.05
N GLY A 515 -8.18 0.41 -27.83
CA GLY A 515 -6.88 -0.02 -27.46
C GLY A 515 -7.00 -0.81 -26.19
N PRO A 516 -5.93 -1.49 -25.83
CA PRO A 516 -5.99 -2.40 -24.70
C PRO A 516 -6.02 -1.67 -23.37
N LEU A 517 -6.41 -2.41 -22.35
CA LEU A 517 -6.09 -2.04 -20.99
C LEU A 517 -4.57 -1.93 -20.86
N PRO A 518 -4.08 -1.21 -19.84
CA PRO A 518 -2.64 -1.09 -19.66
C PRO A 518 -2.00 -2.40 -19.26
N PRO A 519 -0.68 -2.52 -19.37
CA PRO A 519 -0.02 -3.78 -19.01
C PRO A 519 -0.26 -4.23 -17.59
N VAL A 520 -0.31 -3.29 -16.65
CA VAL A 520 -0.50 -3.55 -15.22
C VAL A 520 -1.71 -2.75 -14.78
N LEU A 521 -2.54 -3.36 -13.93
CA LEU A 521 -3.73 -2.70 -13.43
C LEU A 521 -3.46 -2.13 -12.03
N HIS A 522 -3.59 -0.82 -11.93
CA HIS A 522 -3.38 -0.10 -10.69
C HIS A 522 -4.64 -0.18 -9.85
N MET A 523 -4.54 -0.93 -8.75
CA MET A 523 -5.66 -1.13 -7.83
C MET A 523 -5.65 -0.19 -6.62
N GLY A 524 -4.65 0.70 -6.51
CA GLY A 524 -4.77 1.82 -5.58
C GLY A 524 -3.66 1.84 -4.52
N SER A 525 -4.01 2.35 -3.35
CA SER A 525 -3.07 2.55 -2.26
C SER A 525 -2.81 1.25 -1.53
N CYS A 526 -2.00 1.33 -0.48
CA CYS A 526 -1.70 0.13 0.30
CA CYS A 526 -1.71 0.14 0.31
C CYS A 526 -2.94 -0.47 0.99
N VAL A 527 -3.83 0.34 1.57
CA VAL A 527 -5.02 -0.26 2.12
C VAL A 527 -5.81 -0.95 1.02
N ASP A 528 -5.68 -0.46 -0.21
CA ASP A 528 -6.38 -1.03 -1.39
C ASP A 528 -5.80 -2.37 -1.80
N ASN A 529 -4.73 -2.85 -1.18
CA ASN A 529 -4.50 -4.28 -1.29
C ASN A 529 -5.75 -5.05 -0.95
N SER A 530 -6.63 -4.49 -0.13
CA SER A 530 -7.90 -5.14 0.16
C SER A 530 -8.76 -5.33 -1.07
N ARG A 531 -8.64 -4.46 -2.07
CA ARG A 531 -9.37 -4.64 -3.31
C ARG A 531 -8.91 -5.87 -4.05
N ALA A 532 -7.61 -6.16 -4.06
CA ALA A 532 -7.14 -7.40 -4.64
C ALA A 532 -7.72 -8.59 -3.90
N VAL A 533 -7.85 -8.51 -2.56
CA VAL A 533 -8.50 -9.58 -1.83
C VAL A 533 -9.94 -9.75 -2.29
N ALA A 534 -10.68 -8.64 -2.40
CA ALA A 534 -12.08 -8.71 -2.87
C ALA A 534 -12.15 -9.40 -4.22
N LEU A 535 -11.21 -9.07 -5.12
CA LEU A 535 -11.27 -9.68 -6.45
C LEU A 535 -11.00 -11.18 -6.36
N VAL A 536 -9.94 -11.54 -5.64
CA VAL A 536 -9.57 -12.93 -5.51
C VAL A 536 -10.64 -13.73 -4.76
N ALA A 537 -11.24 -13.16 -3.72
CA ALA A 537 -12.32 -13.84 -3.03
C ALA A 537 -13.53 -14.02 -3.93
N ALA A 538 -13.79 -13.04 -4.81
CA ALA A 538 -14.92 -13.19 -5.72
C ALA A 538 -14.63 -14.28 -6.73
N LEU A 539 -13.39 -14.36 -7.22
CA LEU A 539 -13.02 -15.47 -8.09
C LEU A 539 -13.13 -16.79 -7.39
N ALA A 540 -12.69 -16.86 -6.13
CA ALA A 540 -12.84 -18.10 -5.39
C ALA A 540 -14.29 -18.49 -5.25
N ASN A 541 -15.17 -17.54 -4.89
CA ASN A 541 -16.57 -17.85 -4.71
CA ASN A 541 -16.59 -17.80 -4.73
C ASN A 541 -17.19 -18.30 -6.04
N ARG A 542 -16.78 -17.69 -7.16
CA ARG A 542 -17.37 -18.06 -8.46
C ARG A 542 -16.95 -19.44 -8.87
N LEU A 543 -15.76 -19.88 -8.44
CA LEU A 543 -15.22 -21.19 -8.76
C LEU A 543 -15.55 -22.24 -7.74
N GLY A 544 -16.05 -21.86 -6.55
CA GLY A 544 -16.35 -22.81 -5.49
C GLY A 544 -15.13 -23.42 -4.88
N VAL A 545 -13.99 -22.70 -4.89
CA VAL A 545 -12.79 -23.17 -4.22
C VAL A 545 -12.25 -22.10 -3.30
N ASP A 546 -11.32 -22.49 -2.46
CA ASP A 546 -10.63 -21.56 -1.57
C ASP A 546 -9.44 -20.93 -2.27
N LEU A 547 -8.93 -19.85 -1.68
CA LEU A 547 -7.94 -19.02 -2.34
C LEU A 547 -6.61 -19.77 -2.52
N ASP A 548 -6.34 -20.76 -1.67
CA ASP A 548 -5.08 -21.53 -1.77
C ASP A 548 -5.14 -22.53 -2.93
N ARG A 549 -6.21 -22.56 -3.71
CA ARG A 549 -6.22 -23.34 -4.94
C ARG A 549 -6.13 -22.46 -6.19
N LEU A 550 -6.19 -21.13 -6.03
CA LEU A 550 -6.20 -20.27 -7.22
C LEU A 550 -4.76 -19.97 -7.63
N PRO A 551 -4.52 -19.76 -8.96
CA PRO A 551 -3.21 -19.35 -9.45
C PRO A 551 -2.95 -17.85 -9.26
N VAL A 552 -2.79 -17.48 -8.00
CA VAL A 552 -2.67 -16.10 -7.56
C VAL A 552 -1.52 -16.04 -6.59
N VAL A 553 -0.61 -15.11 -6.81
CA VAL A 553 0.56 -14.88 -5.96
C VAL A 553 0.68 -13.40 -5.65
N ALA A 554 1.54 -13.08 -4.68
CA ALA A 554 1.85 -11.71 -4.30
C ALA A 554 3.34 -11.54 -4.24
N SER A 555 3.80 -10.31 -4.42
CA SER A 555 5.22 -9.96 -4.37
C SER A 555 5.38 -8.59 -3.74
N ALA A 556 5.98 -8.55 -2.55
CA ALA A 556 6.45 -7.32 -1.94
C ALA A 556 7.92 -7.25 -2.31
N ALA A 557 8.18 -6.81 -3.55
CA ALA A 557 9.45 -7.04 -4.17
C ALA A 557 10.55 -6.15 -3.60
N GLU A 558 10.20 -5.03 -2.96
CA GLU A 558 11.19 -4.12 -2.37
C GLU A 558 10.79 -3.59 -0.95
N ALA A 559 10.28 -4.45 -0.12
CA ALA A 559 9.55 -4.03 1.05
C ALA A 559 10.43 -3.24 2.02
N MET A 560 9.77 -2.40 2.83
CA MET A 560 10.42 -1.56 3.83
C MET A 560 9.65 -1.49 5.16
N HIS A 561 8.40 -1.07 5.11
CA HIS A 561 7.69 -0.64 6.31
C HIS A 561 7.16 -1.88 7.05
N GLU A 562 6.94 -1.71 8.35
CA GLU A 562 6.22 -2.70 9.14
C GLU A 562 4.88 -3.04 8.51
N LYS A 563 4.21 -2.05 7.92
CA LYS A 563 2.97 -2.32 7.22
C LYS A 563 3.15 -3.39 6.15
N ALA A 564 4.27 -3.38 5.43
CA ALA A 564 4.49 -4.34 4.37
C ALA A 564 4.69 -5.73 4.93
N VAL A 565 5.30 -5.83 6.11
CA VAL A 565 5.43 -7.12 6.75
C VAL A 565 4.05 -7.64 7.14
N ALA A 566 3.17 -6.77 7.63
CA ALA A 566 1.82 -7.20 7.96
C ALA A 566 1.09 -7.69 6.72
N ILE A 567 1.15 -6.92 5.63
CA ILE A 567 0.46 -7.32 4.39
C ILE A 567 0.99 -8.66 3.87
N GLY A 568 2.32 -8.82 3.83
CA GLY A 568 2.82 -10.10 3.36
C GLY A 568 2.34 -11.25 4.23
N THR A 569 2.30 -11.04 5.56
CA THR A 569 1.85 -12.09 6.44
C THR A 569 0.37 -12.43 6.23
N TRP A 570 -0.51 -11.44 6.00
CA TRP A 570 -1.91 -11.79 5.75
C TRP A 570 -2.09 -12.36 4.37
N ALA A 571 -1.24 -12.01 3.42
CA ALA A 571 -1.32 -12.66 2.12
C ALA A 571 -1.07 -14.15 2.28
N VAL A 572 -0.07 -14.51 3.10
CA VAL A 572 0.19 -15.93 3.40
C VAL A 572 -0.97 -16.54 4.17
N THR A 573 -1.52 -15.78 5.09
CA THR A 573 -2.58 -16.33 5.94
C THR A 573 -3.87 -16.60 5.18
N ILE A 574 -4.17 -15.82 4.14
CA ILE A 574 -5.35 -16.05 3.31
C ILE A 574 -5.12 -17.07 2.23
N GLY A 575 -3.88 -17.56 2.09
CA GLY A 575 -3.62 -18.72 1.23
C GLY A 575 -2.71 -18.48 0.04
N LEU A 576 -2.01 -17.36 -0.03
CA LEU A 576 -1.22 -17.04 -1.23
C LEU A 576 0.28 -17.29 -1.05
N PRO A 577 0.91 -17.83 -2.09
CA PRO A 577 2.37 -17.76 -2.17
C PRO A 577 2.76 -16.30 -2.25
N THR A 578 3.70 -15.89 -1.37
CA THR A 578 3.98 -14.48 -1.17
C THR A 578 5.48 -14.23 -1.17
N HIS A 579 5.96 -13.59 -2.22
CA HIS A 579 7.36 -13.29 -2.34
C HIS A 579 7.68 -12.01 -1.57
N ILE A 580 8.85 -12.01 -0.91
CA ILE A 580 9.41 -10.80 -0.34
C ILE A 580 10.84 -10.68 -0.89
N GLY A 581 11.20 -9.50 -1.40
CA GLY A 581 12.46 -9.34 -2.11
C GLY A 581 13.51 -8.61 -1.32
N VAL A 582 13.28 -8.39 -0.03
CA VAL A 582 14.27 -7.90 0.90
CA VAL A 582 14.32 -7.94 0.86
C VAL A 582 14.28 -8.89 2.05
N LEU A 583 15.37 -9.02 2.76
CA LEU A 583 15.44 -10.00 3.87
C LEU A 583 14.71 -9.49 5.09
N PRO A 584 13.61 -10.11 5.52
CA PRO A 584 13.10 -9.80 6.84
C PRO A 584 14.01 -10.41 7.90
N PRO A 585 13.90 -9.96 9.11
CA PRO A 585 14.87 -10.36 10.15
C PRO A 585 14.57 -11.73 10.73
N ILE A 586 14.67 -12.75 9.87
CA ILE A 586 14.30 -14.09 10.26
C ILE A 586 15.41 -15.08 10.04
N THR A 587 16.46 -14.71 9.29
CA THR A 587 17.43 -15.73 8.88
C THR A 587 18.26 -16.27 10.04
N GLY A 588 18.24 -15.60 11.19
CA GLY A 588 18.90 -16.09 12.37
C GLY A 588 18.25 -17.27 13.00
N SER A 589 17.06 -17.65 12.59
CA SER A 589 16.42 -18.84 13.10
C SER A 589 15.96 -19.72 11.96
N LEU A 590 16.61 -20.83 11.80
CA LEU A 590 16.13 -21.79 10.80
C LEU A 590 14.73 -22.31 11.12
N PRO A 591 14.40 -22.68 12.35
CA PRO A 591 13.03 -23.13 12.60
C PRO A 591 11.98 -22.10 12.24
N VAL A 592 12.20 -20.82 12.58
CA VAL A 592 11.22 -19.80 12.18
C VAL A 592 11.16 -19.67 10.67
N THR A 593 12.32 -19.66 10.01
CA THR A 593 12.32 -19.57 8.55
C THR A 593 11.54 -20.73 7.95
N GLN A 594 11.74 -21.94 8.46
CA GLN A 594 11.05 -23.11 7.92
C GLN A 594 9.55 -23.03 8.13
N ILE A 595 9.11 -22.49 9.27
CA ILE A 595 7.68 -22.28 9.46
C ILE A 595 7.14 -21.35 8.39
N LEU A 596 7.79 -20.22 8.21
CA LEU A 596 7.24 -19.17 7.35
C LEU A 596 7.31 -19.49 5.88
N THR A 597 8.30 -20.26 5.45
CA THR A 597 8.48 -20.59 4.05
C THR A 597 8.03 -22.01 3.68
N SER A 598 7.63 -22.81 4.66
CA SER A 598 7.25 -24.18 4.34
C SER A 598 6.11 -24.72 5.18
N SER A 599 6.26 -24.84 6.51
CA SER A 599 5.22 -25.59 7.20
CA SER A 599 5.26 -25.54 7.33
C SER A 599 3.92 -24.81 7.36
N VAL A 600 3.95 -23.49 7.23
CA VAL A 600 2.71 -22.72 7.21
C VAL A 600 1.80 -23.16 6.07
N LYS A 601 2.38 -23.74 5.00
CA LYS A 601 1.55 -24.24 3.89
C LYS A 601 0.48 -25.21 4.42
N ASP A 602 0.84 -25.96 5.46
CA ASP A 602 -0.07 -26.96 6.02
C ASP A 602 -1.18 -26.37 6.88
N ILE A 603 -1.02 -25.12 7.28
CA ILE A 603 -2.00 -24.40 8.10
C ILE A 603 -2.93 -23.56 7.23
N THR A 604 -2.33 -22.69 6.38
CA THR A 604 -3.13 -21.75 5.60
C THR A 604 -3.08 -21.97 4.09
N GLY A 605 -2.18 -22.81 3.60
CA GLY A 605 -1.98 -23.01 2.19
C GLY A 605 -1.09 -21.99 1.53
N GLY A 606 -0.84 -20.84 2.16
CA GLY A 606 0.09 -19.86 1.65
C GLY A 606 1.48 -20.11 2.25
N TYR A 607 2.44 -19.28 1.84
CA TYR A 607 3.82 -19.41 2.31
C TYR A 607 4.65 -18.27 1.78
N PHE A 608 5.66 -17.87 2.54
CA PHE A 608 6.62 -16.91 2.01
C PHE A 608 7.64 -17.55 1.08
N ILE A 609 8.02 -16.79 0.05
CA ILE A 609 9.13 -17.05 -0.85
C ILE A 609 10.11 -15.89 -0.61
N VAL A 610 11.20 -16.14 0.09
CA VAL A 610 12.21 -15.13 0.35
C VAL A 610 13.26 -15.24 -0.74
N GLU A 611 13.35 -14.23 -1.59
CA GLU A 611 14.30 -14.30 -2.70
C GLU A 611 14.76 -12.90 -3.10
N LEU A 612 16.04 -12.63 -2.87
CA LEU A 612 16.57 -11.30 -3.15
CA LEU A 612 16.59 -11.30 -3.16
C LEU A 612 16.95 -11.09 -4.62
N ASP A 613 17.19 -12.14 -5.38
CA ASP A 613 17.55 -11.99 -6.78
C ASP A 613 16.28 -11.93 -7.61
N PRO A 614 15.99 -10.84 -8.31
CA PRO A 614 14.66 -10.74 -8.93
C PRO A 614 14.41 -11.69 -10.06
N GLU A 615 15.41 -12.02 -10.88
CA GLU A 615 15.20 -13.03 -11.92
CA GLU A 615 15.14 -13.01 -11.93
C GLU A 615 14.77 -14.35 -11.31
N THR A 616 15.46 -14.75 -10.22
CA THR A 616 15.13 -15.99 -9.52
C THR A 616 13.78 -15.92 -8.83
N ALA A 617 13.43 -14.77 -8.30
CA ALA A 617 12.12 -14.60 -7.70
C ALA A 617 11.03 -14.78 -8.73
N ALA A 618 11.21 -14.20 -9.92
CA ALA A 618 10.20 -14.38 -10.96
C ALA A 618 10.03 -15.83 -11.30
N ASP A 619 11.12 -16.58 -11.45
CA ASP A 619 11.01 -18.00 -11.72
C ASP A 619 10.28 -18.73 -10.60
N LYS A 620 10.54 -18.36 -9.35
CA LYS A 620 9.85 -18.97 -8.20
C LYS A 620 8.37 -18.62 -8.17
N LEU A 621 8.02 -17.40 -8.55
CA LEU A 621 6.63 -17.03 -8.59
C LEU A 621 5.93 -17.73 -9.72
N LEU A 622 6.58 -17.87 -10.88
CA LEU A 622 5.95 -18.60 -11.96
C LEU A 622 5.75 -20.06 -11.58
N ALA A 623 6.71 -20.64 -10.87
CA ALA A 623 6.58 -22.02 -10.43
C ALA A 623 5.40 -22.18 -9.48
N ALA A 624 5.19 -21.20 -8.60
CA ALA A 624 4.08 -21.25 -7.67
C ALA A 624 2.74 -21.12 -8.42
N ILE A 625 2.66 -20.20 -9.41
CA ILE A 625 1.47 -20.07 -10.22
C ILE A 625 1.18 -21.38 -10.92
N ASN A 626 2.22 -21.97 -11.52
CA ASN A 626 2.05 -23.16 -12.33
C ASN A 626 1.71 -24.38 -11.50
N GLU A 627 2.19 -24.45 -10.26
CA GLU A 627 1.74 -25.51 -9.36
C GLU A 627 0.27 -25.38 -9.07
N ARG A 628 -0.21 -24.15 -8.84
CA ARG A 628 -1.65 -23.94 -8.64
CA ARG A 628 -1.65 -23.94 -8.64
C ARG A 628 -2.45 -24.37 -9.87
N ARG A 629 -1.98 -24.01 -11.07
CA ARG A 629 -2.67 -24.43 -12.29
C ARG A 629 -2.75 -25.94 -12.35
N ALA A 630 -1.63 -26.62 -12.08
CA ALA A 630 -1.64 -28.08 -12.08
C ALA A 630 -2.63 -28.65 -11.05
N GLY A 631 -2.71 -28.05 -9.88
CA GLY A 631 -3.69 -28.50 -8.88
C GLY A 631 -5.13 -28.35 -9.29
N LEU A 632 -5.39 -27.46 -10.23
CA LEU A 632 -6.72 -27.31 -10.82
C LEU A 632 -6.89 -28.13 -12.07
N GLY A 633 -5.89 -28.94 -12.42
CA GLY A 633 -5.94 -29.74 -13.62
C GLY A 633 -5.72 -28.99 -14.91
N LEU A 634 -5.09 -27.84 -14.86
CA LEU A 634 -4.94 -27.03 -16.04
C LEU A 634 -3.58 -27.23 -16.65
N PRO A 635 -3.46 -27.07 -17.97
CA PRO A 635 -2.14 -27.06 -18.60
C PRO A 635 -1.36 -25.88 -18.08
N TRP A 636 -0.04 -25.99 -18.15
CA TRP A 636 0.80 -24.84 -17.86
C TRP A 636 2.13 -24.92 -18.59
FE1 SF4 B . 17.39 -10.26 26.87
FE2 SF4 B . 15.34 -9.13 28.11
FE3 SF4 B . 15.18 -9.86 25.58
FE4 SF4 B . 15.27 -11.76 27.45
S1 SF4 B . 13.65 -10.24 27.09
S2 SF4 B . 16.37 -11.76 25.56
S3 SF4 B . 16.71 -10.76 28.88
S4 SF4 B . 16.42 -8.27 26.41
FE1 FES C . 20.94 -4.99 18.53
FE2 FES C . 22.69 -4.45 16.57
S1 FES C . 23.10 -5.61 18.49
S2 FES C . 20.48 -4.48 16.33
FE FE2 D . 1.92 3.50 1.47
FE FE2 D . 1.78 2.65 0.62
S H2S E . 3.46 1.02 0.08
S H2S F . 3.55 4.76 0.97
FE FE G . 5.05 3.25 2.62
FE FE H . 5.47 1.16 1.88
FE FE I . 2.66 0.56 1.81
FE FE J . 4.85 3.70 -0.04
FE FE K . 5.23 4.99 0.01
#